data_1WWD
#
_entry.id   1WWD
#
loop_
_entity.id
_entity.type
_entity.pdbx_description
1 polymer "5'-R(P*AP*AP*CP*AP*GP*U)-3'"
2 polymer 'Nucleoprotein p10'
3 non-polymer 'ZINC ION'
#
loop_
_entity_poly.entity_id
_entity_poly.type
_entity_poly.pdbx_seq_one_letter_code
_entity_poly.pdbx_strand_id
1 'polyribonucleotide' AACAGU B
2 'polypeptide(L)' ATVVSGQKQDRQGGERRRSQLDRDQCAYCKEKGHWAKDCPKKPRGPRGPRPQTSLL A
#
# COMPACT_ATOMS: atom_id res chain seq x y z
N ALA B 1 -20.08 -7.70 -42.65
CA ALA B 1 -20.49 -6.61 -41.77
C ALA B 1 -20.18 -6.99 -40.32
N THR B 2 -19.91 -5.97 -39.52
CA THR B 2 -19.60 -6.18 -38.11
C THR B 2 -20.10 -5.01 -37.28
N VAL B 3 -20.86 -5.34 -36.24
CA VAL B 3 -21.41 -4.33 -35.35
C VAL B 3 -20.98 -4.63 -33.92
N VAL B 4 -19.85 -4.04 -33.54
CA VAL B 4 -19.32 -4.24 -32.20
C VAL B 4 -18.17 -3.26 -31.97
N SER B 5 -18.33 -2.43 -30.94
CA SER B 5 -17.31 -1.46 -30.61
C SER B 5 -17.69 -0.73 -29.32
N GLY B 6 -16.70 -0.10 -28.72
CA GLY B 6 -16.91 0.64 -27.48
C GLY B 6 -16.32 2.05 -27.56
N GLN B 7 -17.18 3.04 -27.38
CA GLN B 7 -16.74 4.42 -27.43
C GLN B 7 -17.67 5.30 -26.60
N LYS B 8 -17.26 5.55 -25.36
CA LYS B 8 -18.05 6.37 -24.46
C LYS B 8 -17.16 6.88 -23.33
N GLN B 9 -17.45 8.09 -22.88
CA GLN B 9 -16.69 8.70 -21.81
C GLN B 9 -17.63 9.29 -20.75
N ASP B 10 -17.74 8.58 -19.65
CA ASP B 10 -18.61 9.01 -18.56
C ASP B 10 -18.15 8.34 -17.26
N ARG B 11 -18.09 9.14 -16.21
CA ARG B 11 -17.68 8.64 -14.91
C ARG B 11 -18.22 9.54 -13.80
N GLN B 12 -18.58 8.91 -12.69
CA GLN B 12 -19.11 9.64 -11.55
C GLN B 12 -18.27 9.35 -10.30
N GLY B 13 -18.48 10.20 -9.30
CA GLY B 13 -17.74 10.05 -8.05
C GLY B 13 -16.42 10.80 -8.09
N GLY B 14 -16.16 11.55 -7.04
CA GLY B 14 -14.93 12.32 -6.94
C GLY B 14 -13.72 11.41 -6.69
N GLU B 15 -12.57 11.87 -7.15
CA GLU B 15 -11.35 11.10 -6.97
C GLU B 15 -10.16 11.87 -7.55
N ARG B 16 -9.15 12.05 -6.71
CA ARG B 16 -7.94 12.76 -7.13
C ARG B 16 -7.20 11.95 -8.19
N ARG B 17 -6.74 10.78 -7.78
CA ARG B 17 -6.00 9.90 -8.68
C ARG B 17 -5.58 8.62 -7.96
N ARG B 18 -6.56 7.99 -7.34
CA ARG B 18 -6.32 6.76 -6.61
C ARG B 18 -7.61 6.24 -5.99
N SER B 19 -8.61 6.06 -6.85
CA SER B 19 -9.91 5.58 -6.40
C SER B 19 -10.26 6.19 -5.04
N GLN B 20 -11.01 5.44 -4.27
CA GLN B 20 -11.43 5.89 -2.95
C GLN B 20 -10.42 5.46 -1.89
N LEU B 21 -9.18 5.35 -2.32
CA LEU B 21 -8.11 4.95 -1.42
C LEU B 21 -8.06 5.90 -0.22
N ASP B 22 -8.85 5.56 0.79
CA ASP B 22 -8.90 6.36 2.00
C ASP B 22 -7.55 6.32 2.70
N ARG B 23 -7.32 7.32 3.54
CA ARG B 23 -6.07 7.41 4.28
C ARG B 23 -5.98 6.26 5.28
N ASP B 24 -7.07 5.53 5.42
CA ASP B 24 -7.12 4.41 6.33
C ASP B 24 -7.68 3.19 5.61
N GLN B 25 -7.46 3.17 4.31
CA GLN B 25 -7.94 2.06 3.49
C GLN B 25 -6.76 1.33 2.84
N CYS B 26 -6.71 0.03 3.09
CA CYS B 26 -5.64 -0.79 2.53
C CYS B 26 -5.69 -0.69 1.01
N ALA B 27 -4.53 -0.42 0.42
CA ALA B 27 -4.43 -0.30 -1.01
C ALA B 27 -3.89 -1.61 -1.61
N TYR B 28 -4.27 -2.70 -0.97
CA TYR B 28 -3.83 -4.01 -1.42
C TYR B 28 -5.02 -4.96 -1.58
N CYS B 29 -5.75 -5.14 -0.48
CA CYS B 29 -6.91 -6.02 -0.48
C CYS B 29 -8.17 -5.15 -0.58
N LYS B 30 -8.01 -3.90 -0.18
CA LYS B 30 -9.12 -2.97 -0.22
C LYS B 30 -9.87 -3.02 1.11
N GLU B 31 -9.15 -3.41 2.15
CA GLU B 31 -9.73 -3.51 3.47
C GLU B 31 -9.41 -2.26 4.29
N LYS B 32 -10.45 -1.68 4.87
CA LYS B 32 -10.30 -0.48 5.67
C LYS B 32 -9.99 -0.88 7.12
N GLY B 33 -8.97 -0.23 7.67
CA GLY B 33 -8.56 -0.51 9.04
C GLY B 33 -7.04 -0.69 9.13
N HIS B 34 -6.51 -1.40 8.16
CA HIS B 34 -5.07 -1.65 8.13
C HIS B 34 -4.48 -1.07 6.84
N TRP B 35 -3.17 -0.82 6.88
CA TRP B 35 -2.48 -0.26 5.75
C TRP B 35 -1.95 -1.42 4.90
N ALA B 36 -1.64 -1.11 3.64
CA ALA B 36 -1.13 -2.10 2.72
C ALA B 36 0.17 -2.70 3.29
N LYS B 37 0.95 -1.83 3.92
CA LYS B 37 2.20 -2.25 4.51
C LYS B 37 1.93 -3.22 5.67
N ASP B 38 0.66 -3.30 6.04
CA ASP B 38 0.25 -4.17 7.12
C ASP B 38 -0.89 -5.08 6.64
N CYS B 39 -0.93 -5.28 5.33
CA CYS B 39 -1.95 -6.12 4.73
C CYS B 39 -1.66 -7.57 5.10
N PRO B 40 -2.72 -8.26 5.59
CA PRO B 40 -2.60 -9.66 5.98
C PRO B 40 -2.51 -10.57 4.75
N LYS B 41 -2.56 -9.94 3.58
CA LYS B 41 -2.49 -10.68 2.33
C LYS B 41 -1.15 -10.39 1.65
N LYS B 42 -0.25 -9.80 2.42
CA LYS B 42 1.07 -9.47 1.90
C LYS B 42 1.92 -10.74 1.83
N PRO B 43 2.91 -10.72 0.90
CA PRO B 43 3.80 -11.86 0.72
C PRO B 43 4.83 -11.93 1.85
N ARG B 44 5.48 -13.09 1.94
CA ARG B 44 6.49 -13.29 2.96
C ARG B 44 7.44 -14.41 2.54
N GLY B 45 8.73 -14.11 2.65
CA GLY B 45 9.76 -15.06 2.28
C GLY B 45 10.76 -14.45 1.30
N PRO B 46 11.75 -15.30 0.88
CA PRO B 46 11.80 -16.67 1.34
C PRO B 46 12.30 -16.75 2.78
N ARG B 47 11.62 -17.56 3.58
CA ARG B 47 11.99 -17.73 4.97
C ARG B 47 13.49 -18.07 5.09
N GLY B 48 14.23 -17.16 5.68
CA GLY B 48 15.66 -17.34 5.86
C GLY B 48 16.36 -16.00 6.09
N PRO B 49 16.22 -15.50 7.34
CA PRO B 49 16.84 -14.23 7.70
C PRO B 49 18.35 -14.39 7.91
N ARG B 50 19.07 -14.32 6.80
CA ARG B 50 20.52 -14.46 6.84
C ARG B 50 21.16 -13.55 5.79
N PRO B 51 21.40 -12.27 6.21
CA PRO B 51 22.01 -11.30 5.32
C PRO B 51 23.51 -11.56 5.16
N GLN B 52 24.18 -11.67 6.30
CA GLN B 52 25.62 -11.91 6.30
C GLN B 52 26.09 -12.30 7.70
N THR B 53 26.38 -13.58 7.85
CA THR B 53 26.84 -14.09 9.13
C THR B 53 28.33 -13.79 9.33
N SER B 54 28.59 -12.64 9.91
CA SER B 54 29.95 -12.21 10.17
C SER B 54 30.50 -12.91 11.41
N LEU B 55 31.81 -12.80 11.60
CA LEU B 55 32.46 -13.41 12.74
C LEU B 55 33.28 -12.36 13.48
N LEU B 56 32.81 -12.02 14.67
CA LEU B 56 33.49 -11.02 15.49
C LEU B 56 33.24 -11.33 16.97
N ALA B 1 -37.07 32.65 18.98
CA ALA B 1 -36.44 33.78 18.34
C ALA B 1 -36.31 33.50 16.84
N THR B 2 -36.15 34.58 16.08
CA THR B 2 -36.02 34.47 14.64
C THR B 2 -34.84 35.31 14.15
N VAL B 3 -33.93 34.65 13.44
CA VAL B 3 -32.75 35.32 12.92
C VAL B 3 -32.60 34.97 11.43
N VAL B 4 -32.04 35.91 10.69
CA VAL B 4 -31.82 35.71 9.27
C VAL B 4 -30.34 35.46 9.01
N SER B 5 -30.08 34.50 8.14
CA SER B 5 -28.71 34.15 7.79
C SER B 5 -28.67 33.49 6.41
N GLY B 6 -27.58 33.74 5.70
CA GLY B 6 -27.41 33.18 4.37
C GLY B 6 -27.04 34.27 3.37
N GLN B 7 -25.74 34.36 3.10
CA GLN B 7 -25.24 35.35 2.15
C GLN B 7 -23.93 34.87 1.53
N LYS B 8 -22.96 34.62 2.39
CA LYS B 8 -21.66 34.15 1.93
C LYS B 8 -21.78 32.71 1.45
N GLN B 9 -20.94 32.37 0.48
CA GLN B 9 -20.94 31.03 -0.08
C GLN B 9 -19.51 30.48 -0.15
N ASP B 10 -19.42 29.16 -0.23
CA ASP B 10 -18.12 28.51 -0.30
C ASP B 10 -18.25 27.25 -1.16
N ARG B 11 -17.27 27.06 -2.03
CA ARG B 11 -17.25 25.92 -2.91
C ARG B 11 -15.83 25.39 -3.08
N GLN B 12 -15.57 24.26 -2.45
CA GLN B 12 -14.26 23.64 -2.51
C GLN B 12 -14.28 22.43 -3.45
N GLY B 13 -13.23 22.32 -4.25
CA GLY B 13 -13.12 21.22 -5.19
C GLY B 13 -11.76 21.22 -5.88
N GLY B 14 -11.14 20.05 -5.91
CA GLY B 14 -9.84 19.91 -6.53
C GLY B 14 -9.91 18.99 -7.76
N GLU B 15 -8.77 18.87 -8.43
CA GLU B 15 -8.70 18.03 -9.61
C GLU B 15 -7.90 16.76 -9.32
N ARG B 16 -8.54 15.86 -8.59
CA ARG B 16 -7.88 14.59 -8.24
C ARG B 16 -8.89 13.65 -7.58
N ARG B 17 -8.61 12.37 -7.69
CA ARG B 17 -9.47 11.35 -7.12
C ARG B 17 -8.92 9.95 -7.41
N ARG B 18 -8.62 9.23 -6.34
CA ARG B 18 -8.09 7.89 -6.46
C ARG B 18 -9.03 6.88 -5.81
N SER B 19 -10.12 6.58 -6.51
CA SER B 19 -11.10 5.64 -6.01
C SER B 19 -11.35 5.88 -4.52
N GLN B 20 -11.42 7.16 -4.16
CA GLN B 20 -11.65 7.53 -2.78
C GLN B 20 -10.81 6.66 -1.84
N LEU B 21 -9.51 6.64 -2.12
CA LEU B 21 -8.59 5.85 -1.32
C LEU B 21 -8.54 6.43 0.11
N ASP B 22 -9.27 5.78 1.00
CA ASP B 22 -9.32 6.21 2.38
C ASP B 22 -7.91 6.19 2.98
N ARG B 23 -7.57 7.27 3.65
CA ARG B 23 -6.26 7.39 4.27
C ARG B 23 -6.07 6.32 5.34
N ASP B 24 -7.17 5.67 5.68
CA ASP B 24 -7.15 4.62 6.68
C ASP B 24 -7.64 3.31 6.06
N GLN B 25 -7.36 3.17 4.77
CA GLN B 25 -7.75 1.97 4.05
C GLN B 25 -6.53 1.21 3.57
N CYS B 26 -6.78 0.08 2.92
CA CYS B 26 -5.71 -0.75 2.41
C CYS B 26 -5.72 -0.66 0.88
N ALA B 27 -4.54 -0.47 0.32
CA ALA B 27 -4.39 -0.36 -1.12
C ALA B 27 -3.84 -1.67 -1.68
N TYR B 28 -4.25 -2.76 -1.05
CA TYR B 28 -3.79 -4.08 -1.46
C TYR B 28 -4.98 -5.03 -1.63
N CYS B 29 -5.74 -5.19 -0.55
CA CYS B 29 -6.89 -6.07 -0.56
C CYS B 29 -8.15 -5.20 -0.69
N LYS B 30 -7.98 -3.93 -0.35
CA LYS B 30 -9.10 -2.99 -0.42
C LYS B 30 -9.85 -3.01 0.91
N GLU B 31 -9.13 -3.40 1.96
CA GLU B 31 -9.72 -3.46 3.29
C GLU B 31 -9.78 -2.05 3.90
N LYS B 32 -10.25 -2.01 5.14
CA LYS B 32 -10.37 -0.74 5.84
C LYS B 32 -9.96 -0.95 7.30
N GLY B 33 -8.93 -0.21 7.70
CA GLY B 33 -8.43 -0.30 9.06
C GLY B 33 -6.91 -0.50 9.08
N HIS B 34 -6.46 -1.39 8.20
CA HIS B 34 -5.04 -1.68 8.10
C HIS B 34 -4.48 -1.09 6.80
N TRP B 35 -3.17 -0.84 6.81
CA TRP B 35 -2.52 -0.29 5.65
C TRP B 35 -2.00 -1.45 4.80
N ALA B 36 -1.67 -1.14 3.56
CA ALA B 36 -1.15 -2.14 2.64
C ALA B 36 0.10 -2.79 3.25
N LYS B 37 0.94 -1.94 3.81
CA LYS B 37 2.18 -2.41 4.43
C LYS B 37 1.84 -3.25 5.65
N ASP B 38 0.59 -3.17 6.07
CA ASP B 38 0.12 -3.92 7.22
C ASP B 38 -0.93 -4.92 6.78
N CYS B 39 -1.09 -5.04 5.47
CA CYS B 39 -2.06 -5.96 4.90
C CYS B 39 -1.68 -7.37 5.34
N PRO B 40 -2.70 -8.10 5.88
CA PRO B 40 -2.49 -9.46 6.34
C PRO B 40 -2.39 -10.43 5.16
N LYS B 41 -2.50 -9.87 3.96
CA LYS B 41 -2.43 -10.67 2.76
C LYS B 41 -1.03 -10.51 2.14
N LYS B 42 -0.33 -9.47 2.57
CA LYS B 42 1.00 -9.21 2.07
C LYS B 42 2.00 -9.33 3.22
N PRO B 43 3.27 -9.66 2.85
CA PRO B 43 4.32 -9.81 3.84
C PRO B 43 4.80 -8.44 4.34
N ARG B 44 5.63 -8.49 5.37
CA ARG B 44 6.17 -7.26 5.95
C ARG B 44 7.20 -6.64 5.01
N GLY B 45 6.74 -5.66 4.24
CA GLY B 45 7.62 -4.98 3.30
C GLY B 45 7.91 -3.54 3.76
N PRO B 46 8.79 -2.86 2.98
CA PRO B 46 9.39 -3.46 1.81
C PRO B 46 10.47 -4.47 2.22
N ARG B 47 10.89 -5.26 1.23
CA ARG B 47 11.92 -6.26 1.47
C ARG B 47 13.22 -5.87 0.76
N GLY B 48 14.32 -6.07 1.47
CA GLY B 48 15.63 -5.74 0.92
C GLY B 48 15.58 -4.46 0.10
N PRO B 49 15.85 -3.32 0.81
CA PRO B 49 15.83 -2.02 0.16
C PRO B 49 17.08 -1.82 -0.70
N ARG B 50 17.20 -0.61 -1.23
CA ARG B 50 18.34 -0.28 -2.08
C ARG B 50 19.39 0.50 -1.27
N PRO B 51 20.52 -0.20 -1.00
CA PRO B 51 21.61 0.40 -0.25
C PRO B 51 22.39 1.40 -1.11
N GLN B 52 22.93 0.90 -2.20
CA GLN B 52 23.69 1.74 -3.12
C GLN B 52 24.97 2.24 -2.43
N THR B 53 26.01 1.44 -2.55
CA THR B 53 27.29 1.80 -1.93
C THR B 53 27.79 3.13 -2.50
N SER B 54 27.28 3.47 -3.68
CA SER B 54 27.67 4.70 -4.34
C SER B 54 26.53 5.21 -5.22
N LEU B 55 26.52 6.51 -5.43
CA LEU B 55 25.49 7.13 -6.25
C LEU B 55 25.90 7.04 -7.73
N LEU B 56 24.89 7.04 -8.58
CA LEU B 56 25.13 6.96 -10.01
C LEU B 56 25.60 8.33 -10.52
N ALA B 1 16.24 36.92 -2.43
CA ALA B 1 16.61 35.82 -1.57
C ALA B 1 15.38 34.96 -1.29
N THR B 2 14.93 34.27 -2.33
CA THR B 2 13.77 33.42 -2.22
C THR B 2 14.09 32.01 -2.69
N VAL B 3 13.28 31.06 -2.25
CA VAL B 3 13.48 29.66 -2.63
C VAL B 3 12.11 28.97 -2.70
N VAL B 4 11.86 28.35 -3.85
CA VAL B 4 10.60 27.65 -4.06
C VAL B 4 10.88 26.29 -4.70
N SER B 5 11.69 26.33 -5.75
CA SER B 5 12.05 25.11 -6.46
C SER B 5 12.94 24.24 -5.58
N GLY B 6 12.42 23.07 -5.24
CA GLY B 6 13.14 22.12 -4.41
C GLY B 6 14.29 21.48 -5.20
N GLN B 7 14.14 20.18 -5.45
CA GLN B 7 15.15 19.44 -6.18
C GLN B 7 14.53 18.20 -6.82
N LYS B 8 14.00 17.33 -5.97
CA LYS B 8 13.38 16.11 -6.44
C LYS B 8 11.86 16.21 -6.27
N GLN B 9 11.18 16.25 -7.40
CA GLN B 9 9.73 16.35 -7.39
C GLN B 9 9.12 15.24 -6.51
N ASP B 10 9.72 14.06 -6.62
CA ASP B 10 9.26 12.93 -5.84
C ASP B 10 7.80 12.63 -6.20
N ARG B 11 7.63 11.65 -7.08
CA ARG B 11 6.30 11.27 -7.51
C ARG B 11 5.67 10.31 -6.50
N GLN B 12 4.37 10.47 -6.32
CA GLN B 12 3.63 9.63 -5.39
C GLN B 12 3.05 8.41 -6.11
N GLY B 13 2.10 8.67 -6.99
CA GLY B 13 1.45 7.62 -7.74
C GLY B 13 0.05 8.03 -8.18
N GLY B 14 -0.47 7.30 -9.16
CA GLY B 14 -1.80 7.58 -9.67
C GLY B 14 -1.74 8.64 -10.77
N GLU B 15 -2.69 8.53 -11.70
CA GLU B 15 -2.76 9.47 -12.81
C GLU B 15 -4.06 10.28 -12.74
N ARG B 16 -5.11 9.61 -12.28
CA ARG B 16 -6.41 10.24 -12.16
C ARG B 16 -7.20 9.61 -11.02
N ARG B 17 -7.30 10.35 -9.93
CA ARG B 17 -8.04 9.87 -8.77
C ARG B 17 -7.52 8.49 -8.35
N ARG B 18 -8.00 8.04 -7.20
CA ARG B 18 -7.60 6.75 -6.68
C ARG B 18 -8.74 6.12 -5.88
N SER B 19 -9.90 6.05 -6.52
CA SER B 19 -11.07 5.47 -5.89
C SER B 19 -11.15 5.91 -4.43
N GLN B 20 -11.11 7.22 -4.24
CA GLN B 20 -11.17 7.78 -2.90
C GLN B 20 -10.36 6.92 -1.92
N LEU B 21 -9.12 6.66 -2.30
CA LEU B 21 -8.24 5.86 -1.48
C LEU B 21 -8.18 6.46 -0.08
N ASP B 22 -9.09 6.00 0.78
CA ASP B 22 -9.14 6.48 2.15
C ASP B 22 -7.77 6.33 2.80
N ARG B 23 -7.43 7.30 3.64
CA ARG B 23 -6.16 7.28 4.33
C ARG B 23 -6.07 6.06 5.25
N ASP B 24 -7.21 5.42 5.43
CA ASP B 24 -7.28 4.23 6.28
C ASP B 24 -7.87 3.07 5.49
N GLN B 25 -7.57 3.06 4.20
CA GLN B 25 -8.05 2.01 3.32
C GLN B 25 -6.89 1.29 2.66
N CYS B 26 -6.72 0.03 3.04
CA CYS B 26 -5.65 -0.79 2.49
C CYS B 26 -5.69 -0.68 0.97
N ALA B 27 -4.54 -0.37 0.39
CA ALA B 27 -4.43 -0.23 -1.04
C ALA B 27 -3.89 -1.54 -1.64
N TYR B 28 -4.30 -2.65 -1.02
CA TYR B 28 -3.88 -3.96 -1.47
C TYR B 28 -5.08 -4.90 -1.62
N CYS B 29 -5.76 -5.11 -0.51
CA CYS B 29 -6.92 -5.99 -0.50
C CYS B 29 -8.18 -5.12 -0.55
N LYS B 30 -8.00 -3.86 -0.17
CA LYS B 30 -9.11 -2.92 -0.17
C LYS B 30 -9.82 -2.97 1.19
N GLU B 31 -9.08 -3.43 2.19
CA GLU B 31 -9.62 -3.53 3.53
C GLU B 31 -9.35 -2.24 4.32
N LYS B 32 -10.42 -1.70 4.87
CA LYS B 32 -10.31 -0.47 5.65
C LYS B 32 -10.02 -0.83 7.10
N GLY B 33 -8.96 -0.23 7.64
CA GLY B 33 -8.56 -0.47 9.01
C GLY B 33 -7.06 -0.68 9.12
N HIS B 34 -6.52 -1.43 8.18
CA HIS B 34 -5.10 -1.71 8.15
C HIS B 34 -4.48 -1.12 6.88
N TRP B 35 -3.17 -0.87 6.96
CA TRP B 35 -2.45 -0.31 5.84
C TRP B 35 -1.93 -1.47 4.98
N ALA B 36 -1.69 -1.17 3.72
CA ALA B 36 -1.19 -2.17 2.79
C ALA B 36 0.13 -2.72 3.31
N LYS B 37 0.90 -1.83 3.92
CA LYS B 37 2.21 -2.21 4.46
C LYS B 37 2.00 -3.24 5.57
N ASP B 38 0.77 -3.32 6.05
CA ASP B 38 0.44 -4.26 7.10
C ASP B 38 -0.77 -5.09 6.68
N CYS B 39 -0.86 -5.33 5.37
CA CYS B 39 -1.97 -6.10 4.83
C CYS B 39 -1.81 -7.55 5.29
N PRO B 40 -2.91 -8.08 5.88
CA PRO B 40 -2.92 -9.44 6.38
C PRO B 40 -3.01 -10.44 5.22
N LYS B 41 -3.52 -9.95 4.10
CA LYS B 41 -3.68 -10.79 2.93
C LYS B 41 -2.32 -10.95 2.24
N LYS B 42 -1.33 -10.23 2.75
CA LYS B 42 0.00 -10.28 2.21
C LYS B 42 0.71 -11.52 2.74
N PRO B 43 1.70 -12.01 1.93
CA PRO B 43 2.45 -13.20 2.31
C PRO B 43 3.47 -12.87 3.40
N ARG B 44 3.51 -13.74 4.40
CA ARG B 44 4.42 -13.55 5.52
C ARG B 44 5.64 -14.47 5.36
N GLY B 45 6.81 -13.84 5.33
CA GLY B 45 8.05 -14.59 5.18
C GLY B 45 8.63 -14.42 3.78
N PRO B 46 9.81 -15.05 3.56
CA PRO B 46 10.45 -15.82 4.61
C PRO B 46 11.09 -14.91 5.67
N ARG B 47 11.48 -15.51 6.77
CA ARG B 47 12.10 -14.75 7.85
C ARG B 47 13.07 -13.72 7.29
N GLY B 48 12.95 -12.50 7.80
CA GLY B 48 13.80 -11.42 7.35
C GLY B 48 15.02 -11.25 8.28
N PRO B 49 16.13 -10.79 7.67
CA PRO B 49 17.36 -10.59 8.42
C PRO B 49 17.27 -9.34 9.31
N ARG B 50 18.41 -8.98 9.87
CA ARG B 50 18.48 -7.81 10.73
C ARG B 50 19.37 -6.73 10.11
N PRO B 51 18.72 -5.79 9.39
CA PRO B 51 19.43 -4.70 8.74
C PRO B 51 19.89 -3.66 9.76
N GLN B 52 19.00 -3.37 10.70
CA GLN B 52 19.29 -2.40 11.73
C GLN B 52 19.83 -1.11 11.11
N THR B 53 18.91 -0.33 10.55
CA THR B 53 19.27 0.92 9.92
C THR B 53 18.44 2.07 10.50
N SER B 54 17.14 1.83 10.59
CA SER B 54 16.23 2.83 11.12
C SER B 54 16.29 4.09 10.26
N LEU B 55 15.22 4.30 9.49
CA LEU B 55 15.14 5.46 8.62
C LEU B 55 13.93 6.31 9.03
N LEU B 56 14.15 7.14 10.04
CA LEU B 56 13.09 8.01 10.53
C LEU B 56 13.31 9.42 9.99
N ALA B 1 -1.38 21.29 35.32
CA ALA B 1 -0.57 21.32 34.11
C ALA B 1 -1.44 21.78 32.93
N THR B 2 -1.12 22.97 32.44
CA THR B 2 -1.86 23.53 31.33
C THR B 2 -0.90 24.08 30.27
N VAL B 3 -1.03 23.56 29.06
CA VAL B 3 -0.18 23.98 27.97
C VAL B 3 -0.97 23.92 26.66
N VAL B 4 -1.03 25.07 25.98
CA VAL B 4 -1.75 25.15 24.73
C VAL B 4 -1.00 24.37 23.65
N SER B 5 -1.61 24.28 22.48
CA SER B 5 -1.01 23.57 21.37
C SER B 5 -1.81 23.82 20.09
N GLY B 6 -1.13 23.66 18.97
CA GLY B 6 -1.76 23.86 17.67
C GLY B 6 -2.19 22.53 17.05
N GLN B 7 -2.97 22.62 15.98
CA GLN B 7 -3.46 21.44 15.30
C GLN B 7 -3.84 21.78 13.85
N LYS B 8 -2.83 21.96 13.03
CA LYS B 8 -3.04 22.29 11.63
C LYS B 8 -1.69 22.33 10.91
N GLN B 9 -1.77 22.54 9.60
CA GLN B 9 -0.57 22.60 8.79
C GLN B 9 -0.87 23.28 7.44
N ASP B 10 0.06 24.12 7.02
CA ASP B 10 -0.10 24.83 5.76
C ASP B 10 0.60 24.05 4.64
N ARG B 11 -0.21 23.37 3.85
CA ARG B 11 0.32 22.58 2.74
C ARG B 11 -0.83 21.90 1.99
N GLN B 12 -1.63 21.15 2.73
CA GLN B 12 -2.76 20.45 2.15
C GLN B 12 -2.27 19.38 1.18
N GLY B 13 -2.87 18.21 1.28
CA GLY B 13 -2.51 17.10 0.42
C GLY B 13 -2.87 17.39 -1.04
N GLY B 14 -1.87 17.31 -1.90
CA GLY B 14 -2.06 17.56 -3.32
C GLY B 14 -3.29 16.83 -3.84
N GLU B 15 -3.95 17.45 -4.81
CA GLU B 15 -5.15 16.86 -5.39
C GLU B 15 -4.76 15.68 -6.29
N ARG B 16 -5.42 14.56 -6.04
CA ARG B 16 -5.16 13.36 -6.82
C ARG B 16 -6.44 12.53 -6.96
N ARG B 17 -6.41 11.60 -7.90
CA ARG B 17 -7.55 10.74 -8.14
C ARG B 17 -7.16 9.27 -7.99
N ARG B 18 -7.35 8.76 -6.78
CA ARG B 18 -7.01 7.38 -6.50
C ARG B 18 -8.23 6.65 -5.89
N SER B 19 -9.24 6.47 -6.73
CA SER B 19 -10.46 5.80 -6.29
C SER B 19 -10.81 6.23 -4.87
N GLN B 20 -11.45 5.33 -4.16
CA GLN B 20 -11.86 5.59 -2.79
C GLN B 20 -10.76 5.15 -1.82
N LEU B 21 -9.53 5.23 -2.28
CA LEU B 21 -8.39 4.84 -1.47
C LEU B 21 -8.28 5.78 -0.27
N ASP B 22 -9.07 5.48 0.76
CA ASP B 22 -9.06 6.28 1.97
C ASP B 22 -7.66 6.27 2.59
N ARG B 23 -7.39 7.28 3.39
CA ARG B 23 -6.10 7.39 4.05
C ARG B 23 -5.93 6.27 5.07
N ASP B 24 -7.01 5.54 5.29
CA ASP B 24 -6.99 4.44 6.24
C ASP B 24 -7.55 3.19 5.57
N GLN B 25 -7.46 3.17 4.24
CA GLN B 25 -7.95 2.04 3.48
C GLN B 25 -6.79 1.30 2.81
N CYS B 26 -6.68 0.01 3.13
CA CYS B 26 -5.63 -0.81 2.57
C CYS B 26 -5.68 -0.70 1.05
N ALA B 27 -4.54 -0.40 0.46
CA ALA B 27 -4.44 -0.25 -0.99
C ALA B 27 -3.88 -1.54 -1.58
N TYR B 28 -4.27 -2.66 -0.98
CA TYR B 28 -3.82 -3.96 -1.43
C TYR B 28 -4.99 -4.93 -1.58
N CYS B 29 -5.76 -5.05 -0.51
CA CYS B 29 -6.91 -5.94 -0.51
C CYS B 29 -8.17 -5.08 -0.52
N LYS B 30 -8.00 -3.81 -0.15
CA LYS B 30 -9.11 -2.89 -0.12
C LYS B 30 -9.80 -2.96 1.24
N GLU B 31 -9.04 -3.44 2.23
CA GLU B 31 -9.56 -3.57 3.58
C GLU B 31 -9.34 -2.27 4.36
N LYS B 32 -10.45 -1.73 4.84
CA LYS B 32 -10.40 -0.49 5.60
C LYS B 32 -10.09 -0.81 7.08
N GLY B 33 -9.01 -0.24 7.56
CA GLY B 33 -8.60 -0.45 8.93
C GLY B 33 -7.08 -0.63 9.04
N HIS B 34 -6.55 -1.42 8.12
CA HIS B 34 -5.12 -1.68 8.10
C HIS B 34 -4.52 -1.12 6.80
N TRP B 35 -3.23 -0.85 6.86
CA TRP B 35 -2.52 -0.32 5.72
C TRP B 35 -1.99 -1.49 4.89
N ALA B 36 -1.74 -1.22 3.62
CA ALA B 36 -1.23 -2.23 2.72
C ALA B 36 0.11 -2.76 3.25
N LYS B 37 0.86 -1.85 3.86
CA LYS B 37 2.16 -2.19 4.42
C LYS B 37 1.96 -3.17 5.59
N ASP B 38 0.71 -3.31 5.99
CA ASP B 38 0.38 -4.19 7.09
C ASP B 38 -0.78 -5.10 6.69
N CYS B 39 -0.87 -5.33 5.38
CA CYS B 39 -1.92 -6.18 4.84
C CYS B 39 -1.65 -7.62 5.29
N PRO B 40 -2.71 -8.25 5.86
CA PRO B 40 -2.61 -9.62 6.33
C PRO B 40 -2.60 -10.61 5.16
N LYS B 41 -2.69 -10.05 3.96
CA LYS B 41 -2.70 -10.87 2.76
C LYS B 41 -1.30 -10.91 2.17
N LYS B 42 -0.47 -9.96 2.59
CA LYS B 42 0.89 -9.88 2.11
C LYS B 42 1.57 -11.24 2.30
N PRO B 43 2.59 -11.50 1.44
CA PRO B 43 3.33 -12.75 1.50
C PRO B 43 4.28 -12.76 2.69
N ARG B 44 4.07 -13.72 3.58
CA ARG B 44 4.89 -13.85 4.77
C ARG B 44 6.18 -14.60 4.43
N GLY B 45 7.11 -13.88 3.83
CA GLY B 45 8.39 -14.46 3.45
C GLY B 45 8.37 -14.92 1.99
N PRO B 46 9.55 -15.42 1.53
CA PRO B 46 10.72 -15.49 2.39
C PRO B 46 11.34 -14.11 2.58
N ARG B 47 12.34 -14.06 3.44
CA ARG B 47 13.03 -12.81 3.73
C ARG B 47 14.33 -12.72 2.93
N GLY B 48 14.28 -11.94 1.86
CA GLY B 48 15.45 -11.76 1.01
C GLY B 48 15.08 -11.96 -0.47
N PRO B 49 15.18 -10.83 -1.24
CA PRO B 49 14.86 -10.88 -2.66
C PRO B 49 15.97 -11.56 -3.45
N ARG B 50 15.56 -12.25 -4.50
CA ARG B 50 16.51 -12.95 -5.35
C ARG B 50 17.16 -11.99 -6.34
N PRO B 51 18.50 -11.81 -6.19
CA PRO B 51 19.24 -10.92 -7.06
C PRO B 51 19.46 -11.56 -8.44
N GLN B 52 19.17 -10.78 -9.46
CA GLN B 52 19.33 -11.25 -10.83
C GLN B 52 20.72 -10.90 -11.36
N THR B 53 21.48 -11.94 -11.68
CA THR B 53 22.83 -11.75 -12.19
C THR B 53 22.92 -12.27 -13.63
N SER B 54 23.63 -11.51 -14.46
CA SER B 54 23.81 -11.88 -15.85
C SER B 54 24.79 -10.92 -16.52
N LEU B 55 25.53 -11.46 -17.48
CA LEU B 55 26.51 -10.66 -18.21
C LEU B 55 25.81 -9.95 -19.37
N LEU B 56 25.34 -10.75 -20.31
CA LEU B 56 24.65 -10.21 -21.49
C LEU B 56 25.51 -9.10 -22.10
N ALA B 1 40.91 -7.07 4.90
CA ALA B 1 39.60 -6.66 5.35
C ALA B 1 38.56 -7.09 4.32
N THR B 2 37.33 -7.23 4.80
CA THR B 2 36.23 -7.64 3.94
C THR B 2 34.92 -6.97 4.38
N VAL B 3 34.11 -6.63 3.40
CA VAL B 3 32.83 -6.00 3.68
C VAL B 3 31.93 -6.09 2.44
N VAL B 4 30.63 -6.10 2.70
CA VAL B 4 29.66 -6.20 1.62
C VAL B 4 28.62 -5.10 1.79
N SER B 5 28.26 -4.49 0.67
CA SER B 5 27.27 -3.42 0.68
C SER B 5 26.24 -3.65 -0.44
N GLY B 6 25.19 -2.84 -0.40
CA GLY B 6 24.14 -2.94 -1.39
C GLY B 6 22.99 -1.99 -1.07
N GLN B 7 22.06 -1.89 -2.01
CA GLN B 7 20.91 -1.02 -1.84
C GLN B 7 19.72 -1.56 -2.63
N LYS B 8 18.52 -1.23 -2.13
CA LYS B 8 17.30 -1.68 -2.77
C LYS B 8 16.75 -0.55 -3.66
N GLN B 9 16.97 0.67 -3.20
CA GLN B 9 16.51 1.83 -3.93
C GLN B 9 15.00 1.74 -4.20
N ASP B 10 14.44 2.84 -4.63
CA ASP B 10 13.01 2.90 -4.92
C ASP B 10 12.80 3.47 -6.32
N ARG B 11 11.72 3.03 -6.95
CA ARG B 11 11.40 3.49 -8.29
C ARG B 11 9.98 3.07 -8.67
N GLN B 12 9.78 1.76 -8.71
CA GLN B 12 8.47 1.22 -9.05
C GLN B 12 7.39 1.83 -8.17
N GLY B 13 6.17 1.81 -8.69
CA GLY B 13 5.04 2.38 -7.97
C GLY B 13 4.11 3.14 -8.91
N GLY B 14 3.49 2.39 -9.82
CA GLY B 14 2.58 2.99 -10.78
C GLY B 14 1.41 3.67 -10.07
N GLU B 15 0.25 3.62 -10.72
CA GLU B 15 -0.95 4.22 -10.16
C GLU B 15 -0.77 5.75 -10.03
N ARG B 16 -1.85 6.47 -10.25
CA ARG B 16 -1.82 7.91 -10.16
C ARG B 16 -2.94 8.41 -9.23
N ARG B 17 -4.15 7.94 -9.52
CA ARG B 17 -5.31 8.33 -8.73
C ARG B 17 -5.54 7.32 -7.60
N ARG B 18 -6.06 7.83 -6.49
CA ARG B 18 -6.33 6.99 -5.34
C ARG B 18 -7.82 6.64 -5.29
N SER B 19 -8.20 5.70 -6.13
CA SER B 19 -9.59 5.27 -6.18
C SER B 19 -10.15 5.11 -4.77
N GLN B 20 -10.82 6.15 -4.32
CA GLN B 20 -11.40 6.15 -2.99
C GLN B 20 -10.47 5.45 -1.99
N LEU B 21 -9.21 5.88 -2.01
CA LEU B 21 -8.21 5.31 -1.12
C LEU B 21 -8.21 6.09 0.20
N ASP B 22 -9.05 5.63 1.12
CA ASP B 22 -9.15 6.27 2.42
C ASP B 22 -7.77 6.30 3.07
N ARG B 23 -7.53 7.38 3.81
CA ARG B 23 -6.26 7.54 4.49
C ARG B 23 -6.04 6.40 5.49
N ASP B 24 -7.11 5.68 5.76
CA ASP B 24 -7.06 4.56 6.69
C ASP B 24 -7.56 3.30 6.00
N GLN B 25 -7.25 3.20 4.71
CA GLN B 25 -7.67 2.05 3.92
C GLN B 25 -6.45 1.23 3.50
N CYS B 26 -6.73 0.15 2.78
CA CYS B 26 -5.67 -0.73 2.31
C CYS B 26 -5.68 -0.71 0.78
N ALA B 27 -4.52 -0.40 0.21
CA ALA B 27 -4.40 -0.35 -1.23
C ALA B 27 -3.85 -1.68 -1.74
N TYR B 28 -4.24 -2.76 -1.05
CA TYR B 28 -3.79 -4.09 -1.42
C TYR B 28 -4.98 -5.04 -1.58
N CYS B 29 -5.75 -5.15 -0.50
CA CYS B 29 -6.91 -6.03 -0.50
C CYS B 29 -8.17 -5.15 -0.58
N LYS B 30 -7.98 -3.88 -0.23
CA LYS B 30 -9.08 -2.94 -0.25
C LYS B 30 -9.79 -2.95 1.10
N GLU B 31 -9.06 -3.41 2.11
CA GLU B 31 -9.60 -3.48 3.46
C GLU B 31 -9.52 -2.11 4.13
N LYS B 32 -10.46 -1.87 5.03
CA LYS B 32 -10.50 -0.61 5.75
C LYS B 32 -10.12 -0.85 7.21
N GLY B 33 -9.04 -0.20 7.62
CA GLY B 33 -8.55 -0.33 8.98
C GLY B 33 -7.04 -0.49 9.01
N HIS B 34 -6.56 -1.46 8.23
CA HIS B 34 -5.14 -1.73 8.16
C HIS B 34 -4.56 -1.14 6.86
N TRP B 35 -3.27 -0.88 6.89
CA TRP B 35 -2.59 -0.32 5.73
C TRP B 35 -2.05 -1.48 4.89
N ALA B 36 -1.80 -1.18 3.63
CA ALA B 36 -1.27 -2.20 2.72
C ALA B 36 0.07 -2.71 3.25
N LYS B 37 0.81 -1.81 3.85
CA LYS B 37 2.11 -2.15 4.42
C LYS B 37 1.91 -3.10 5.60
N ASP B 38 0.66 -3.23 6.00
CA ASP B 38 0.32 -4.10 7.12
C ASP B 38 -0.80 -5.04 6.71
N CYS B 39 -0.90 -5.27 5.40
CA CYS B 39 -1.92 -6.15 4.86
C CYS B 39 -1.56 -7.59 5.24
N PRO B 40 -2.58 -8.32 5.76
CA PRO B 40 -2.39 -9.70 6.16
C PRO B 40 -2.31 -10.62 4.94
N LYS B 41 -2.42 -10.00 3.77
CA LYS B 41 -2.38 -10.75 2.52
C LYS B 41 -0.94 -10.77 2.00
N LYS B 42 -0.15 -9.81 2.49
CA LYS B 42 1.24 -9.71 2.08
C LYS B 42 1.98 -10.97 2.52
N PRO B 43 3.07 -11.29 1.75
CA PRO B 43 3.88 -12.46 2.05
C PRO B 43 4.77 -12.21 3.26
N ARG B 44 5.40 -13.28 3.74
CA ARG B 44 6.28 -13.19 4.89
C ARG B 44 7.53 -12.40 4.52
N GLY B 45 7.84 -11.42 5.36
CA GLY B 45 9.01 -10.58 5.15
C GLY B 45 10.22 -11.13 5.90
N PRO B 46 11.39 -10.47 5.68
CA PRO B 46 11.44 -9.33 4.78
C PRO B 46 11.38 -9.78 3.32
N ARG B 47 11.49 -8.81 2.42
CA ARG B 47 11.45 -9.09 1.00
C ARG B 47 12.87 -9.22 0.44
N GLY B 48 13.12 -10.36 -0.21
CA GLY B 48 14.42 -10.61 -0.79
C GLY B 48 14.95 -9.39 -1.52
N PRO B 49 15.91 -8.69 -0.84
CA PRO B 49 16.51 -7.49 -1.42
C PRO B 49 17.50 -7.85 -2.53
N ARG B 50 18.10 -6.82 -3.10
CA ARG B 50 19.06 -7.01 -4.18
C ARG B 50 19.64 -5.67 -4.62
N PRO B 51 20.91 -5.71 -5.09
CA PRO B 51 21.59 -4.52 -5.54
C PRO B 51 21.06 -4.08 -6.92
N GLN B 52 21.01 -2.77 -7.10
CA GLN B 52 20.53 -2.20 -8.35
C GLN B 52 21.71 -1.78 -9.23
N THR B 53 22.53 -0.90 -8.68
CA THR B 53 23.69 -0.40 -9.40
C THR B 53 23.26 0.28 -10.70
N SER B 54 23.17 1.60 -10.62
CA SER B 54 22.77 2.39 -11.78
C SER B 54 23.54 3.71 -11.80
N LEU B 55 23.44 4.40 -12.93
CA LEU B 55 24.12 5.67 -13.09
C LEU B 55 25.63 5.44 -13.08
N LEU B 56 26.29 6.00 -14.09
CA LEU B 56 27.73 5.87 -14.21
C LEU B 56 28.41 7.07 -13.55
N ALA B 1 -50.24 -2.28 -14.57
CA ALA B 1 -51.04 -1.36 -13.76
C ALA B 1 -50.44 -1.28 -12.35
N THR B 2 -50.76 -0.20 -11.67
CA THR B 2 -50.27 0.01 -10.32
C THR B 2 -48.74 0.05 -10.31
N VAL B 3 -48.22 1.22 -9.96
CA VAL B 3 -46.78 1.42 -9.91
C VAL B 3 -46.45 2.54 -8.92
N VAL B 4 -45.39 2.32 -8.16
CA VAL B 4 -44.96 3.31 -7.19
C VAL B 4 -43.43 3.32 -7.11
N SER B 5 -42.89 4.48 -6.76
CA SER B 5 -41.45 4.63 -6.64
C SER B 5 -41.11 6.06 -6.26
N GLY B 6 -39.84 6.27 -5.93
CA GLY B 6 -39.36 7.59 -5.55
C GLY B 6 -37.86 7.58 -5.26
N GLN B 7 -37.25 8.73 -5.45
CA GLN B 7 -35.81 8.87 -5.22
C GLN B 7 -35.36 10.29 -5.55
N LYS B 8 -34.43 10.78 -4.74
CA LYS B 8 -33.90 12.12 -4.94
C LYS B 8 -32.38 12.09 -4.72
N GLN B 9 -31.66 12.47 -5.76
CA GLN B 9 -30.21 12.50 -5.70
C GLN B 9 -29.64 13.24 -6.91
N ASP B 10 -28.51 13.91 -6.68
CA ASP B 10 -27.86 14.66 -7.74
C ASP B 10 -26.63 15.37 -7.17
N ARG B 11 -25.78 15.84 -8.07
CA ARG B 11 -24.57 16.54 -7.67
C ARG B 11 -23.62 15.58 -6.96
N GLN B 12 -22.34 15.88 -7.09
CA GLN B 12 -21.31 15.05 -6.47
C GLN B 12 -20.43 15.90 -5.56
N GLY B 13 -19.81 16.91 -6.16
CA GLY B 13 -18.94 17.80 -5.41
C GLY B 13 -17.65 17.09 -4.99
N GLY B 14 -16.59 17.38 -5.72
CA GLY B 14 -15.29 16.77 -5.44
C GLY B 14 -14.16 17.61 -6.02
N GLU B 15 -12.94 17.19 -5.71
CA GLU B 15 -11.76 17.89 -6.21
C GLU B 15 -10.77 16.89 -6.82
N ARG B 16 -10.22 16.06 -5.96
CA ARG B 16 -9.26 15.06 -6.40
C ARG B 16 -8.80 14.19 -5.22
N ARG B 17 -8.80 12.89 -5.44
CA ARG B 17 -8.38 11.95 -4.41
C ARG B 17 -8.17 10.56 -5.01
N ARG B 18 -7.35 9.78 -4.33
CA ARG B 18 -7.04 8.43 -4.78
C ARG B 18 -8.34 7.62 -4.91
N SER B 19 -8.34 6.76 -5.92
CA SER B 19 -9.50 5.92 -6.17
C SER B 19 -10.03 5.34 -4.85
N GLN B 20 -11.01 6.03 -4.29
CA GLN B 20 -11.60 5.60 -3.04
C GLN B 20 -10.53 5.00 -2.13
N LEU B 21 -9.39 5.67 -2.07
CA LEU B 21 -8.29 5.22 -1.25
C LEU B 21 -8.22 6.07 0.02
N ASP B 22 -9.02 5.66 1.00
CA ASP B 22 -9.07 6.37 2.27
C ASP B 22 -7.69 6.35 2.92
N ARG B 23 -7.47 7.31 3.81
CA ARG B 23 -6.19 7.41 4.50
C ARG B 23 -5.99 6.20 5.42
N ASP B 24 -7.04 5.41 5.54
CA ASP B 24 -6.99 4.21 6.38
C ASP B 24 -7.54 3.02 5.60
N GLN B 25 -7.48 3.14 4.28
CA GLN B 25 -7.97 2.07 3.42
C GLN B 25 -6.80 1.34 2.76
N CYS B 26 -6.71 0.06 3.08
CA CYS B 26 -5.64 -0.76 2.54
C CYS B 26 -5.70 -0.67 1.01
N ALA B 27 -4.54 -0.43 0.42
CA ALA B 27 -4.45 -0.31 -1.02
C ALA B 27 -3.89 -1.62 -1.60
N TYR B 28 -4.25 -2.71 -0.95
CA TYR B 28 -3.80 -4.03 -1.39
C TYR B 28 -4.98 -4.98 -1.54
N CYS B 29 -5.76 -5.11 -0.48
CA CYS B 29 -6.91 -5.99 -0.50
C CYS B 29 -8.16 -5.12 -0.58
N LYS B 30 -8.02 -3.88 -0.14
CA LYS B 30 -9.13 -2.95 -0.16
C LYS B 30 -9.89 -3.02 1.16
N GLU B 31 -9.17 -3.42 2.20
CA GLU B 31 -9.75 -3.54 3.52
C GLU B 31 -9.41 -2.31 4.37
N LYS B 32 -10.46 -1.65 4.83
CA LYS B 32 -10.30 -0.46 5.65
C LYS B 32 -9.99 -0.87 7.10
N GLY B 33 -8.96 -0.25 7.65
CA GLY B 33 -8.55 -0.54 9.00
C GLY B 33 -7.03 -0.70 9.10
N HIS B 34 -6.48 -1.45 8.16
CA HIS B 34 -5.05 -1.69 8.11
C HIS B 34 -4.46 -1.08 6.84
N TRP B 35 -3.16 -0.84 6.89
CA TRP B 35 -2.46 -0.27 5.75
C TRP B 35 -1.94 -1.42 4.89
N ALA B 36 -1.62 -1.09 3.65
CA ALA B 36 -1.11 -2.08 2.71
C ALA B 36 0.19 -2.67 3.27
N LYS B 37 0.95 -1.83 3.95
CA LYS B 37 2.21 -2.26 4.53
C LYS B 37 1.93 -3.22 5.69
N ASP B 38 0.64 -3.32 6.04
CA ASP B 38 0.23 -4.19 7.13
C ASP B 38 -0.89 -5.11 6.62
N CYS B 39 -0.95 -5.26 5.32
CA CYS B 39 -1.97 -6.10 4.71
C CYS B 39 -1.68 -7.54 5.08
N PRO B 40 -2.74 -8.24 5.58
CA PRO B 40 -2.62 -9.63 5.98
C PRO B 40 -2.55 -10.55 4.76
N LYS B 41 -2.60 -9.93 3.59
CA LYS B 41 -2.54 -10.67 2.34
C LYS B 41 -1.10 -10.69 1.83
N LYS B 42 -0.32 -9.75 2.33
CA LYS B 42 1.08 -9.64 1.94
C LYS B 42 1.88 -10.74 2.63
N PRO B 43 3.01 -11.13 1.96
CA PRO B 43 3.87 -12.16 2.50
C PRO B 43 4.71 -11.63 3.66
N ARG B 44 4.89 -12.49 4.66
CA ARG B 44 5.66 -12.12 5.83
C ARG B 44 6.85 -13.08 6.02
N GLY B 45 7.94 -12.72 5.38
CA GLY B 45 9.15 -13.54 5.45
C GLY B 45 10.27 -12.80 6.21
N PRO B 46 11.40 -13.52 6.40
CA PRO B 46 11.51 -14.89 5.92
C PRO B 46 10.71 -15.85 6.80
N ARG B 47 10.37 -16.98 6.22
CA ARG B 47 9.61 -17.99 6.94
C ARG B 47 10.09 -18.09 8.38
N GLY B 48 9.24 -17.64 9.29
CA GLY B 48 9.58 -17.66 10.70
C GLY B 48 9.76 -19.10 11.19
N PRO B 49 9.95 -19.24 12.53
CA PRO B 49 10.15 -20.54 13.14
C PRO B 49 8.83 -21.33 13.21
N ARG B 50 8.33 -21.69 12.03
CA ARG B 50 7.08 -22.43 11.95
C ARG B 50 7.09 -23.33 10.71
N PRO B 51 6.42 -24.51 10.86
CA PRO B 51 6.34 -25.47 9.78
C PRO B 51 5.36 -25.00 8.70
N GLN B 52 5.75 -25.21 7.46
CA GLN B 52 4.91 -24.82 6.33
C GLN B 52 5.25 -25.67 5.10
N THR B 53 4.22 -26.29 4.56
CA THR B 53 4.38 -27.14 3.39
C THR B 53 3.18 -27.00 2.47
N SER B 54 3.42 -26.42 1.29
CA SER B 54 2.36 -26.24 0.31
C SER B 54 2.68 -27.03 -0.95
N LEU B 55 1.69 -27.80 -1.39
CA LEU B 55 1.85 -28.61 -2.58
C LEU B 55 0.52 -29.26 -2.93
N LEU B 56 0.47 -29.84 -4.12
CA LEU B 56 -0.74 -30.51 -4.58
C LEU B 56 -0.96 -31.79 -3.77
N ALA B 1 -45.51 -3.19 8.16
CA ALA B 1 -44.15 -3.36 7.66
C ALA B 1 -43.51 -1.98 7.48
N THR B 2 -42.25 -1.89 7.89
CA THR B 2 -41.52 -0.65 7.77
C THR B 2 -40.01 -0.92 7.61
N VAL B 3 -39.42 -0.22 6.66
CA VAL B 3 -37.99 -0.39 6.40
C VAL B 3 -37.55 0.65 5.37
N VAL B 4 -36.49 1.36 5.71
CA VAL B 4 -35.95 2.38 4.83
C VAL B 4 -34.42 2.33 4.86
N SER B 5 -33.86 1.72 3.83
CA SER B 5 -32.41 1.60 3.73
C SER B 5 -31.95 1.99 2.32
N GLY B 6 -31.30 3.14 2.26
CA GLY B 6 -30.79 3.64 0.98
C GLY B 6 -30.20 5.04 1.15
N GLN B 7 -28.87 5.08 1.27
CA GLN B 7 -28.17 6.34 1.43
C GLN B 7 -26.75 6.22 0.88
N LYS B 8 -26.21 7.36 0.46
CA LYS B 8 -24.87 7.40 -0.08
C LYS B 8 -24.15 8.64 0.45
N GLN B 9 -22.86 8.47 0.71
CA GLN B 9 -22.05 9.56 1.22
C GLN B 9 -20.84 9.80 0.31
N ASP B 10 -21.13 10.41 -0.84
CA ASP B 10 -20.08 10.70 -1.81
C ASP B 10 -20.35 12.06 -2.44
N ARG B 11 -19.29 12.86 -2.52
CA ARG B 11 -19.40 14.19 -3.10
C ARG B 11 -18.01 14.72 -3.47
N GLN B 12 -17.97 15.44 -4.59
CA GLN B 12 -16.71 16.00 -5.05
C GLN B 12 -16.92 16.74 -6.38
N GLY B 13 -16.23 17.85 -6.52
CA GLY B 13 -16.34 18.65 -7.73
C GLY B 13 -15.66 17.95 -8.91
N GLY B 14 -14.36 17.76 -8.78
CA GLY B 14 -13.59 17.10 -9.83
C GLY B 14 -12.11 17.51 -9.75
N GLU B 15 -11.37 16.79 -8.95
CA GLU B 15 -9.95 17.06 -8.78
C GLU B 15 -9.23 15.85 -8.16
N ARG B 16 -8.48 15.16 -9.00
CA ARG B 16 -7.74 13.99 -8.55
C ARG B 16 -8.71 12.91 -8.08
N ARG B 17 -8.49 11.70 -8.58
CA ARG B 17 -9.34 10.57 -8.21
C ARG B 17 -8.48 9.33 -7.94
N ARG B 18 -8.86 8.61 -6.90
CA ARG B 18 -8.15 7.40 -6.52
C ARG B 18 -9.05 6.48 -5.71
N SER B 19 -10.22 6.22 -6.28
CA SER B 19 -11.19 5.35 -5.62
C SER B 19 -11.35 5.75 -4.15
N GLN B 20 -11.33 7.06 -3.92
CA GLN B 20 -11.47 7.58 -2.57
C GLN B 20 -10.56 6.81 -1.62
N LEU B 21 -9.34 6.57 -2.07
CA LEU B 21 -8.37 5.85 -1.27
C LEU B 21 -8.39 6.39 0.16
N ASP B 22 -9.14 5.71 1.02
CA ASP B 22 -9.26 6.11 2.40
C ASP B 22 -7.86 6.17 3.03
N ARG B 23 -7.61 7.25 3.74
CA ARG B 23 -6.32 7.44 4.40
C ARG B 23 -6.11 6.36 5.46
N ASP B 24 -7.19 5.63 5.74
CA ASP B 24 -7.13 4.56 6.74
C ASP B 24 -7.61 3.26 6.10
N GLN B 25 -7.32 3.13 4.81
CA GLN B 25 -7.72 1.94 4.08
C GLN B 25 -6.49 1.17 3.59
N CYS B 26 -6.75 0.13 2.82
CA CYS B 26 -5.67 -0.68 2.28
C CYS B 26 -5.66 -0.54 0.75
N ALA B 27 -4.46 -0.58 0.20
CA ALA B 27 -4.30 -0.45 -1.23
C ALA B 27 -3.78 -1.78 -1.81
N TYR B 28 -4.34 -2.87 -1.29
CA TYR B 28 -3.94 -4.18 -1.74
C TYR B 28 -5.14 -5.13 -1.79
N CYS B 29 -5.82 -5.24 -0.66
CA CYS B 29 -6.99 -6.11 -0.56
C CYS B 29 -8.24 -5.23 -0.66
N LYS B 30 -8.06 -3.97 -0.30
CA LYS B 30 -9.16 -3.02 -0.34
C LYS B 30 -9.89 -3.02 1.00
N GLU B 31 -9.14 -3.40 2.04
CA GLU B 31 -9.69 -3.45 3.38
C GLU B 31 -9.63 -2.06 4.03
N LYS B 32 -10.35 -1.93 5.13
CA LYS B 32 -10.39 -0.68 5.86
C LYS B 32 -10.01 -0.92 7.32
N GLY B 33 -8.95 -0.26 7.76
CA GLY B 33 -8.48 -0.40 9.12
C GLY B 33 -6.97 -0.60 9.16
N HIS B 34 -6.48 -1.35 8.19
CA HIS B 34 -5.05 -1.64 8.10
C HIS B 34 -4.48 -1.03 6.82
N TRP B 35 -3.18 -0.80 6.84
CA TRP B 35 -2.50 -0.21 5.69
C TRP B 35 -1.94 -1.36 4.86
N ALA B 36 -1.55 -1.03 3.63
CA ALA B 36 -0.99 -2.01 2.73
C ALA B 36 0.23 -2.66 3.39
N LYS B 37 1.05 -1.81 4.01
CA LYS B 37 2.25 -2.29 4.68
C LYS B 37 1.86 -3.22 5.83
N ASP B 38 0.57 -3.18 6.16
CA ASP B 38 0.05 -4.01 7.24
C ASP B 38 -1.06 -4.91 6.69
N CYS B 39 -1.02 -5.11 5.38
CA CYS B 39 -2.01 -5.95 4.73
C CYS B 39 -1.73 -7.41 5.11
N PRO B 40 -2.74 -8.04 5.77
CA PRO B 40 -2.61 -9.43 6.18
C PRO B 40 -2.75 -10.37 4.99
N LYS B 41 -2.97 -9.78 3.83
CA LYS B 41 -3.13 -10.56 2.61
C LYS B 41 -1.77 -10.68 1.91
N LYS B 42 -0.87 -9.77 2.27
CA LYS B 42 0.46 -9.77 1.69
C LYS B 42 1.18 -11.06 2.07
N PRO B 43 1.42 -11.91 1.04
CA PRO B 43 2.10 -13.18 1.25
C PRO B 43 3.61 -12.97 1.47
N ARG B 44 4.20 -12.23 0.54
CA ARG B 44 5.63 -11.95 0.61
C ARG B 44 6.07 -11.18 -0.63
N GLY B 45 7.15 -10.42 -0.46
CA GLY B 45 7.69 -9.64 -1.55
C GLY B 45 7.78 -8.16 -1.18
N PRO B 46 8.35 -7.35 -2.11
CA PRO B 46 8.85 -7.91 -3.37
C PRO B 46 10.15 -8.67 -3.16
N ARG B 47 11.09 -8.00 -2.49
CA ARG B 47 12.38 -8.60 -2.22
C ARG B 47 13.11 -8.93 -3.53
N GLY B 48 13.94 -7.99 -3.95
CA GLY B 48 14.70 -8.16 -5.19
C GLY B 48 13.99 -7.48 -6.37
N PRO B 49 14.79 -7.16 -7.41
CA PRO B 49 14.26 -6.51 -8.59
C PRO B 49 13.48 -7.50 -9.46
N ARG B 50 13.00 -7.01 -10.58
CA ARG B 50 12.23 -7.83 -11.50
C ARG B 50 10.96 -8.34 -10.82
N PRO B 51 9.85 -8.32 -11.61
CA PRO B 51 8.56 -8.79 -11.09
C PRO B 51 8.52 -10.31 -11.01
N GLN B 52 7.41 -10.81 -10.49
CA GLN B 52 7.24 -12.26 -10.35
C GLN B 52 6.80 -12.86 -11.67
N THR B 53 7.49 -13.93 -12.05
CA THR B 53 7.17 -14.62 -13.30
C THR B 53 5.68 -14.90 -13.38
N SER B 54 5.02 -14.15 -14.25
CA SER B 54 3.58 -14.31 -14.44
C SER B 54 3.16 -13.73 -15.79
N LEU B 55 2.42 -14.53 -16.53
CA LEU B 55 1.94 -14.12 -17.85
C LEU B 55 0.59 -13.43 -17.70
N LEU B 56 -0.39 -14.20 -17.23
CA LEU B 56 -1.73 -13.69 -17.04
C LEU B 56 -1.87 -13.17 -15.61
N ALA B 1 36.19 -11.76 -17.58
CA ALA B 1 34.91 -11.86 -18.24
C ALA B 1 33.97 -10.78 -17.69
N THR B 2 33.31 -10.09 -18.60
CA THR B 2 32.38 -9.04 -18.21
C THR B 2 31.41 -8.74 -19.35
N VAL B 3 30.18 -8.42 -18.98
CA VAL B 3 29.16 -8.10 -19.96
C VAL B 3 28.09 -7.22 -19.31
N VAL B 4 28.44 -5.95 -19.14
CA VAL B 4 27.53 -5.00 -18.53
C VAL B 4 26.14 -5.18 -19.13
N SER B 5 25.22 -5.68 -18.30
CA SER B 5 23.85 -5.90 -18.73
C SER B 5 22.95 -4.78 -18.23
N GLY B 6 21.93 -4.48 -19.03
CA GLY B 6 21.00 -3.44 -18.68
C GLY B 6 19.78 -4.00 -17.94
N GLN B 7 19.23 -3.19 -17.05
CA GLN B 7 18.07 -3.60 -16.28
C GLN B 7 17.51 -2.41 -15.49
N LYS B 8 16.29 -2.03 -15.86
CA LYS B 8 15.63 -0.92 -15.19
C LYS B 8 14.12 -1.14 -15.22
N GLN B 9 13.44 -0.46 -14.32
CA GLN B 9 11.99 -0.56 -14.22
C GLN B 9 11.32 0.66 -14.85
N ASP B 10 10.05 0.48 -15.20
CA ASP B 10 9.28 1.56 -15.81
C ASP B 10 8.59 2.36 -14.72
N ARG B 11 8.10 3.53 -15.11
CA ARG B 11 7.40 4.40 -14.17
C ARG B 11 6.16 3.70 -13.62
N GLN B 12 5.65 4.25 -12.53
CA GLN B 12 4.47 3.71 -11.89
C GLN B 12 3.83 4.74 -10.97
N GLY B 13 2.52 4.62 -10.82
CA GLY B 13 1.77 5.53 -9.97
C GLY B 13 0.72 6.30 -10.77
N GLY B 14 1.08 7.52 -11.14
CA GLY B 14 0.17 8.37 -11.91
C GLY B 14 -0.58 7.54 -12.94
N GLU B 15 -1.87 7.84 -13.07
CA GLU B 15 -2.71 7.14 -14.02
C GLU B 15 -4.12 7.74 -14.03
N ARG B 16 -4.76 7.69 -12.86
CA ARG B 16 -6.10 8.22 -12.72
C ARG B 16 -6.59 8.09 -11.27
N ARG B 17 -7.72 8.70 -11.00
CA ARG B 17 -8.29 8.66 -9.66
C ARG B 17 -8.11 7.26 -9.05
N ARG B 18 -8.11 7.22 -7.73
CA ARG B 18 -7.95 5.97 -7.02
C ARG B 18 -9.25 5.58 -6.31
N SER B 19 -10.33 5.69 -7.05
CA SER B 19 -11.64 5.36 -6.51
C SER B 19 -11.93 6.22 -5.28
N GLN B 20 -11.46 5.76 -4.14
CA GLN B 20 -11.65 6.47 -2.90
C GLN B 20 -10.65 6.01 -1.84
N LEU B 21 -9.48 5.61 -2.33
CA LEU B 21 -8.42 5.15 -1.44
C LEU B 21 -8.33 6.07 -0.23
N ASP B 22 -8.98 5.65 0.85
CA ASP B 22 -8.98 6.43 2.07
C ASP B 22 -7.59 6.38 2.71
N ARG B 23 -7.31 7.36 3.55
CA ARG B 23 -6.03 7.44 4.22
C ARG B 23 -5.87 6.30 5.21
N ASP B 24 -6.96 5.55 5.39
CA ASP B 24 -6.96 4.42 6.30
C ASP B 24 -7.53 3.19 5.60
N GLN B 25 -7.44 3.22 4.27
CA GLN B 25 -7.94 2.11 3.47
C GLN B 25 -6.77 1.37 2.82
N CYS B 26 -6.71 0.07 3.12
CA CYS B 26 -5.66 -0.77 2.57
C CYS B 26 -5.71 -0.68 1.05
N ALA B 27 -4.56 -0.39 0.46
CA ALA B 27 -4.46 -0.28 -0.99
C ALA B 27 -3.90 -1.57 -1.56
N TYR B 28 -4.25 -2.68 -0.92
CA TYR B 28 -3.78 -3.98 -1.36
C TYR B 28 -4.96 -4.95 -1.53
N CYS B 29 -5.73 -5.08 -0.47
CA CYS B 29 -6.88 -5.97 -0.48
C CYS B 29 -8.15 -5.11 -0.57
N LYS B 30 -8.01 -3.87 -0.14
CA LYS B 30 -9.13 -2.94 -0.16
C LYS B 30 -9.87 -3.02 1.18
N GLU B 31 -9.14 -3.44 2.21
CA GLU B 31 -9.71 -3.56 3.53
C GLU B 31 -9.41 -2.31 4.37
N LYS B 32 -10.48 -1.65 4.79
CA LYS B 32 -10.35 -0.45 5.59
C LYS B 32 -10.04 -0.83 7.04
N GLY B 33 -9.00 -0.22 7.57
CA GLY B 33 -8.59 -0.48 8.94
C GLY B 33 -7.07 -0.64 9.04
N HIS B 34 -6.53 -1.45 8.15
CA HIS B 34 -5.10 -1.70 8.12
C HIS B 34 -4.50 -1.13 6.84
N TRP B 35 -3.20 -0.87 6.88
CA TRP B 35 -2.50 -0.31 5.74
C TRP B 35 -1.97 -1.48 4.91
N ALA B 36 -1.72 -1.19 3.64
CA ALA B 36 -1.21 -2.20 2.73
C ALA B 36 0.12 -2.73 3.25
N LYS B 37 0.87 -1.84 3.88
CA LYS B 37 2.16 -2.20 4.43
C LYS B 37 1.97 -3.17 5.60
N ASP B 38 0.71 -3.32 5.99
CA ASP B 38 0.38 -4.21 7.10
C ASP B 38 -0.75 -5.14 6.65
N CYS B 39 -0.87 -5.32 5.35
CA CYS B 39 -1.90 -6.17 4.79
C CYS B 39 -1.60 -7.62 5.20
N PRO B 40 -2.65 -8.31 5.70
CA PRO B 40 -2.51 -9.69 6.13
C PRO B 40 -2.43 -10.63 4.94
N LYS B 41 -2.48 -10.03 3.75
CA LYS B 41 -2.40 -10.81 2.52
C LYS B 41 -0.95 -10.85 2.03
N LYS B 42 -0.18 -9.89 2.51
CA LYS B 42 1.23 -9.80 2.13
C LYS B 42 1.94 -11.09 2.55
N PRO B 43 2.34 -11.89 1.53
CA PRO B 43 3.04 -13.14 1.78
C PRO B 43 4.49 -12.89 2.19
N ARG B 44 4.64 -12.13 3.27
CA ARG B 44 5.96 -11.82 3.78
C ARG B 44 6.86 -11.31 2.65
N GLY B 45 6.80 -10.00 2.44
CA GLY B 45 7.60 -9.38 1.39
C GLY B 45 7.41 -7.86 1.39
N PRO B 46 8.19 -7.18 0.50
CA PRO B 46 9.11 -7.89 -0.37
C PRO B 46 10.34 -8.35 0.41
N ARG B 47 10.93 -9.45 -0.05
CA ARG B 47 12.11 -10.01 0.59
C ARG B 47 13.02 -10.65 -0.46
N GLY B 48 14.28 -10.26 -0.42
CA GLY B 48 15.26 -10.79 -1.35
C GLY B 48 15.20 -10.06 -2.69
N PRO B 49 16.35 -9.43 -3.06
CA PRO B 49 16.44 -8.69 -4.30
C PRO B 49 16.53 -9.65 -5.50
N ARG B 50 16.40 -9.07 -6.69
CA ARG B 50 16.47 -9.86 -7.91
C ARG B 50 17.90 -10.38 -8.13
N PRO B 51 18.00 -11.74 -8.18
CA PRO B 51 19.29 -12.38 -8.39
C PRO B 51 19.76 -12.24 -9.84
N GLN B 52 20.96 -12.72 -10.08
CA GLN B 52 21.53 -12.66 -11.42
C GLN B 52 21.58 -11.21 -11.91
N THR B 53 22.71 -10.57 -11.62
CA THR B 53 22.90 -9.18 -12.01
C THR B 53 24.39 -8.86 -12.10
N SER B 54 24.74 -8.11 -13.14
CA SER B 54 26.12 -7.72 -13.35
C SER B 54 26.29 -6.23 -13.08
N LEU B 55 27.18 -5.93 -12.15
CA LEU B 55 27.46 -4.54 -11.78
C LEU B 55 28.93 -4.40 -11.38
N LEU B 56 29.48 -3.24 -11.68
CA LEU B 56 30.87 -2.96 -11.37
C LEU B 56 31.77 -3.87 -12.22
N ALA B 1 5.37 -0.03 28.78
CA ALA B 1 4.81 0.74 27.68
C ALA B 1 5.32 0.18 26.35
N THR B 2 4.39 -0.02 25.44
CA THR B 2 4.73 -0.56 24.12
C THR B 2 4.66 0.55 23.07
N VAL B 3 5.82 0.87 22.51
CA VAL B 3 5.90 1.90 21.49
C VAL B 3 6.94 1.49 20.45
N VAL B 4 6.55 1.62 19.19
CA VAL B 4 7.43 1.27 18.09
C VAL B 4 7.40 2.39 17.04
N SER B 5 8.58 2.89 16.72
CA SER B 5 8.70 3.96 15.74
C SER B 5 9.77 3.60 14.71
N GLY B 6 9.35 3.57 13.45
CA GLY B 6 10.26 3.23 12.37
C GLY B 6 9.49 2.88 11.09
N GLN B 7 9.98 3.42 9.98
CA GLN B 7 9.34 3.18 8.69
C GLN B 7 10.38 3.23 7.58
N LYS B 8 10.34 2.22 6.72
CA LYS B 8 11.27 2.14 5.61
C LYS B 8 10.92 3.21 4.58
N GLN B 9 11.91 4.04 4.28
CA GLN B 9 11.71 5.11 3.32
C GLN B 9 11.51 4.53 1.91
N ASP B 10 11.09 5.40 1.01
CA ASP B 10 10.85 4.99 -0.37
C ASP B 10 10.41 6.21 -1.19
N ARG B 11 10.70 6.14 -2.48
CA ARG B 11 10.35 7.22 -3.38
C ARG B 11 10.22 6.70 -4.81
N GLN B 12 8.99 6.39 -5.18
CA GLN B 12 8.71 5.89 -6.51
C GLN B 12 7.21 5.68 -6.71
N GLY B 13 6.72 6.20 -7.83
CA GLY B 13 5.30 6.08 -8.14
C GLY B 13 5.09 5.88 -9.64
N GLY B 14 3.89 5.45 -9.98
CA GLY B 14 3.54 5.22 -11.38
C GLY B 14 2.15 4.58 -11.50
N GLU B 15 1.14 5.43 -11.36
CA GLU B 15 -0.23 4.98 -11.45
C GLU B 15 -1.19 6.17 -11.50
N ARG B 16 -1.05 7.04 -10.51
CA ARG B 16 -1.88 8.22 -10.43
C ARG B 16 -3.36 7.84 -10.50
N ARG B 17 -3.87 7.33 -9.39
CA ARG B 17 -5.26 6.92 -9.32
C ARG B 17 -5.55 6.25 -7.98
N ARG B 18 -6.09 7.04 -7.07
CA ARG B 18 -6.42 6.54 -5.74
C ARG B 18 -7.94 6.48 -5.55
N SER B 19 -8.55 5.49 -6.19
CA SER B 19 -9.99 5.32 -6.09
C SER B 19 -10.44 5.40 -4.64
N GLN B 20 -10.90 6.59 -4.26
CA GLN B 20 -11.36 6.82 -2.90
C GLN B 20 -10.46 6.10 -1.91
N LEU B 21 -9.18 6.02 -2.26
CA LEU B 21 -8.21 5.36 -1.41
C LEU B 21 -8.12 6.11 -0.08
N ASP B 22 -9.04 5.78 0.82
CA ASP B 22 -9.08 6.41 2.13
C ASP B 22 -7.69 6.33 2.77
N ARG B 23 -7.42 7.29 3.64
CA ARG B 23 -6.14 7.33 4.32
C ARG B 23 -5.99 6.15 5.28
N ASP B 24 -7.08 5.43 5.44
CA ASP B 24 -7.09 4.27 6.31
C ASP B 24 -7.65 3.06 5.56
N GLN B 25 -7.57 3.14 4.24
CA GLN B 25 -8.05 2.06 3.40
C GLN B 25 -6.87 1.34 2.73
N CYS B 26 -6.76 0.06 3.04
CA CYS B 26 -5.69 -0.76 2.48
C CYS B 26 -5.73 -0.61 0.96
N ALA B 27 -4.54 -0.45 0.39
CA ALA B 27 -4.42 -0.29 -1.05
C ALA B 27 -3.92 -1.60 -1.66
N TYR B 28 -4.34 -2.70 -1.05
CA TYR B 28 -3.95 -4.02 -1.51
C TYR B 28 -5.15 -4.94 -1.65
N CYS B 29 -5.82 -5.16 -0.53
CA CYS B 29 -7.00 -6.02 -0.51
C CYS B 29 -8.24 -5.12 -0.51
N LYS B 30 -8.02 -3.86 -0.14
CA LYS B 30 -9.11 -2.91 -0.09
C LYS B 30 -9.78 -2.96 1.30
N GLU B 31 -9.03 -3.49 2.26
CA GLU B 31 -9.53 -3.60 3.61
C GLU B 31 -9.32 -2.29 4.36
N LYS B 32 -10.42 -1.76 4.88
CA LYS B 32 -10.38 -0.51 5.63
C LYS B 32 -10.06 -0.81 7.09
N GLY B 33 -8.90 -0.34 7.52
CA GLY B 33 -8.47 -0.54 8.89
C GLY B 33 -6.95 -0.68 8.97
N HIS B 34 -6.41 -1.55 8.12
CA HIS B 34 -4.99 -1.78 8.09
C HIS B 34 -4.39 -1.17 6.82
N TRP B 35 -3.11 -0.84 6.91
CA TRP B 35 -2.41 -0.25 5.78
C TRP B 35 -1.88 -1.38 4.89
N ALA B 36 -1.50 -1.00 3.68
CA ALA B 36 -0.98 -1.97 2.74
C ALA B 36 0.26 -2.66 3.33
N LYS B 37 1.05 -1.86 4.03
CA LYS B 37 2.26 -2.37 4.66
C LYS B 37 1.87 -3.28 5.82
N ASP B 38 0.58 -3.30 6.12
CA ASP B 38 0.08 -4.12 7.21
C ASP B 38 -1.02 -5.04 6.67
N CYS B 39 -1.02 -5.21 5.35
CA CYS B 39 -2.01 -6.06 4.71
C CYS B 39 -1.69 -7.51 5.05
N PRO B 40 -2.69 -8.18 5.69
CA PRO B 40 -2.52 -9.57 6.08
C PRO B 40 -2.64 -10.50 4.87
N LYS B 41 -2.86 -9.89 3.71
CA LYS B 41 -2.99 -10.64 2.49
C LYS B 41 -1.62 -10.78 1.82
N LYS B 42 -0.72 -9.89 2.22
CA LYS B 42 0.63 -9.90 1.68
C LYS B 42 1.59 -10.49 2.71
N PRO B 43 2.70 -11.08 2.20
CA PRO B 43 3.71 -11.68 3.06
C PRO B 43 4.54 -10.61 3.76
N ARG B 44 5.25 -9.83 2.95
CA ARG B 44 6.09 -8.79 3.48
C ARG B 44 6.79 -8.05 2.34
N GLY B 45 7.42 -6.93 2.69
CA GLY B 45 8.12 -6.13 1.70
C GLY B 45 7.97 -4.63 1.99
N PRO B 46 8.58 -3.81 1.11
CA PRO B 46 9.31 -4.33 -0.03
C PRO B 46 10.66 -4.91 0.41
N ARG B 47 11.52 -4.02 0.86
CA ARG B 47 12.85 -4.42 1.30
C ARG B 47 13.47 -5.39 0.31
N GLY B 48 14.17 -4.82 -0.67
CA GLY B 48 14.83 -5.63 -1.69
C GLY B 48 15.75 -4.76 -2.56
N PRO B 49 16.18 -5.36 -3.70
CA PRO B 49 17.06 -4.66 -4.62
C PRO B 49 16.28 -3.60 -5.42
N ARG B 50 17.03 -2.67 -5.99
CA ARG B 50 16.44 -1.61 -6.77
C ARG B 50 17.18 -1.45 -8.10
N PRO B 51 16.41 -1.03 -9.15
CA PRO B 51 16.99 -0.84 -10.46
C PRO B 51 17.83 0.44 -10.52
N GLN B 52 19.09 0.29 -10.19
CA GLN B 52 20.01 1.42 -10.18
C GLN B 52 21.41 0.96 -10.57
N THR B 53 21.94 0.03 -9.78
CA THR B 53 23.27 -0.50 -10.02
C THR B 53 23.30 -1.28 -11.34
N SER B 54 24.27 -0.93 -12.17
CA SER B 54 24.42 -1.58 -13.46
C SER B 54 25.61 -2.54 -13.42
N LEU B 55 25.40 -3.70 -14.02
CA LEU B 55 26.45 -4.72 -14.07
C LEU B 55 26.65 -5.17 -15.51
N LEU B 56 27.70 -5.96 -15.71
CA LEU B 56 28.02 -6.47 -17.03
C LEU B 56 28.17 -5.29 -18.00
N ALA B 1 -43.14 18.44 24.23
CA ALA B 1 -42.32 17.56 23.43
C ALA B 1 -42.37 18.02 21.96
N THR B 2 -41.18 18.15 21.38
CA THR B 2 -41.07 18.58 20.00
C THR B 2 -39.76 18.09 19.39
N VAL B 3 -39.77 17.95 18.07
CA VAL B 3 -38.59 17.49 17.36
C VAL B 3 -38.18 18.54 16.33
N VAL B 4 -36.94 19.00 16.46
CA VAL B 4 -36.43 20.01 15.54
C VAL B 4 -34.90 19.88 15.47
N SER B 5 -34.40 19.77 14.24
CA SER B 5 -32.98 19.65 14.02
C SER B 5 -32.68 19.55 12.52
N GLY B 6 -31.42 19.77 12.19
CA GLY B 6 -31.00 19.72 10.80
C GLY B 6 -29.88 20.72 10.52
N GLN B 7 -28.71 20.19 10.20
CA GLN B 7 -27.55 21.02 9.91
C GLN B 7 -26.38 20.16 9.43
N LYS B 8 -25.90 20.48 8.24
CA LYS B 8 -24.79 19.75 7.65
C LYS B 8 -23.76 20.74 7.13
N GLN B 9 -22.73 20.96 7.94
CA GLN B 9 -21.66 21.87 7.58
C GLN B 9 -20.31 21.31 7.99
N ASP B 10 -19.72 20.55 7.08
CA ASP B 10 -18.43 19.95 7.34
C ASP B 10 -17.76 19.56 6.01
N ARG B 11 -16.45 19.54 6.03
CA ARG B 11 -15.69 19.19 4.84
C ARG B 11 -14.34 18.58 5.21
N GLN B 12 -13.71 17.94 4.24
CA GLN B 12 -12.42 17.32 4.46
C GLN B 12 -11.33 18.08 3.71
N GLY B 13 -10.10 17.92 4.19
CA GLY B 13 -8.97 18.58 3.57
C GLY B 13 -8.10 17.59 2.80
N GLY B 14 -8.10 17.76 1.49
CA GLY B 14 -7.32 16.88 0.62
C GLY B 14 -8.19 16.34 -0.53
N GLU B 15 -7.74 16.64 -1.74
CA GLU B 15 -8.46 16.19 -2.93
C GLU B 15 -8.27 14.69 -3.12
N ARG B 16 -7.02 14.30 -3.24
CA ARG B 16 -6.69 12.89 -3.44
C ARG B 16 -7.37 12.36 -4.70
N ARG B 17 -6.54 12.08 -5.71
CA ARG B 17 -7.04 11.57 -6.97
C ARG B 17 -6.71 10.08 -7.11
N ARG B 18 -7.61 9.26 -6.57
CA ARG B 18 -7.43 7.82 -6.63
C ARG B 18 -8.53 7.11 -5.82
N SER B 19 -9.70 7.01 -6.44
CA SER B 19 -10.83 6.36 -5.80
C SER B 19 -10.89 6.77 -4.32
N GLN B 20 -10.78 8.06 -4.09
CA GLN B 20 -10.82 8.59 -2.73
C GLN B 20 -10.07 7.66 -1.79
N LEU B 21 -8.82 7.38 -2.15
CA LEU B 21 -7.99 6.51 -1.34
C LEU B 21 -8.08 6.94 0.13
N ASP B 22 -8.97 6.28 0.85
CA ASP B 22 -9.16 6.58 2.26
C ASP B 22 -7.88 6.29 3.03
N ARG B 23 -7.56 7.17 3.96
CA ARG B 23 -6.35 7.03 4.76
C ARG B 23 -6.43 5.75 5.60
N ASP B 24 -7.64 5.19 5.65
CA ASP B 24 -7.86 3.98 6.41
C ASP B 24 -8.34 2.87 5.47
N GLN B 25 -7.91 2.98 4.22
CA GLN B 25 -8.30 2.00 3.21
C GLN B 25 -7.05 1.30 2.66
N CYS B 26 -6.99 -0.01 2.89
CA CYS B 26 -5.86 -0.80 2.42
C CYS B 26 -5.78 -0.66 0.90
N ALA B 27 -4.56 -0.39 0.43
CA ALA B 27 -4.33 -0.23 -0.99
C ALA B 27 -3.81 -1.54 -1.58
N TYR B 28 -4.18 -2.63 -0.91
CA TYR B 28 -3.77 -3.95 -1.34
C TYR B 28 -4.97 -4.89 -1.50
N CYS B 29 -5.75 -4.98 -0.43
CA CYS B 29 -6.93 -5.83 -0.44
C CYS B 29 -8.17 -4.93 -0.41
N LYS B 30 -7.93 -3.66 -0.10
CA LYS B 30 -9.02 -2.69 -0.04
C LYS B 30 -9.52 -2.59 1.39
N GLU B 31 -9.35 -3.68 2.13
CA GLU B 31 -9.78 -3.72 3.52
C GLU B 31 -9.41 -2.42 4.23
N LYS B 32 -10.42 -1.82 4.86
CA LYS B 32 -10.21 -0.58 5.58
C LYS B 32 -9.88 -0.89 7.04
N GLY B 33 -8.89 -0.19 7.56
CA GLY B 33 -8.46 -0.37 8.93
C GLY B 33 -6.94 -0.56 9.03
N HIS B 34 -6.43 -1.42 8.16
CA HIS B 34 -5.00 -1.68 8.14
C HIS B 34 -4.40 -1.12 6.85
N TRP B 35 -3.10 -0.84 6.91
CA TRP B 35 -2.39 -0.30 5.76
C TRP B 35 -1.90 -1.48 4.92
N ALA B 36 -1.66 -1.20 3.65
CA ALA B 36 -1.19 -2.21 2.73
C ALA B 36 0.12 -2.80 3.25
N LYS B 37 0.91 -1.94 3.90
CA LYS B 37 2.18 -2.35 4.45
C LYS B 37 1.95 -3.35 5.58
N ASP B 38 0.72 -3.34 6.09
CA ASP B 38 0.36 -4.23 7.17
C ASP B 38 -0.79 -5.14 6.72
N CYS B 39 -0.89 -5.29 5.40
CA CYS B 39 -1.94 -6.12 4.83
C CYS B 39 -1.70 -7.57 5.27
N PRO B 40 -2.76 -8.16 5.89
CA PRO B 40 -2.68 -9.53 6.37
C PRO B 40 -2.75 -10.52 5.20
N LYS B 41 -2.87 -9.97 4.01
CA LYS B 41 -2.95 -10.79 2.82
C LYS B 41 -1.58 -10.85 2.14
N LYS B 42 -0.74 -9.90 2.50
CA LYS B 42 0.60 -9.83 1.95
C LYS B 42 1.61 -10.21 3.02
N PRO B 43 2.78 -10.73 2.55
CA PRO B 43 3.84 -11.15 3.45
C PRO B 43 4.57 -9.94 4.03
N ARG B 44 5.75 -10.20 4.56
CA ARG B 44 6.56 -9.15 5.16
C ARG B 44 8.05 -9.41 4.92
N GLY B 45 8.53 -8.92 3.80
CA GLY B 45 9.93 -9.10 3.44
C GLY B 45 10.29 -8.30 2.19
N PRO B 46 11.57 -8.44 1.76
CA PRO B 46 12.50 -9.30 2.46
C PRO B 46 12.97 -8.65 3.76
N ARG B 47 13.45 -7.41 3.64
CA ARG B 47 13.93 -6.67 4.78
C ARG B 47 15.19 -7.33 5.34
N GLY B 48 15.99 -6.51 6.02
CA GLY B 48 17.23 -7.00 6.61
C GLY B 48 18.42 -6.17 6.14
N PRO B 49 19.51 -6.20 6.95
CA PRO B 49 20.72 -5.46 6.64
C PRO B 49 21.50 -6.16 5.52
N ARG B 50 22.20 -5.35 4.74
CA ARG B 50 22.99 -5.86 3.64
C ARG B 50 22.22 -6.97 2.90
N PRO B 51 21.48 -6.54 1.85
CA PRO B 51 20.70 -7.48 1.06
C PRO B 51 21.59 -8.29 0.13
N GLN B 52 21.11 -9.48 -0.21
CA GLN B 52 21.86 -10.37 -1.08
C GLN B 52 23.16 -10.79 -0.42
N THR B 53 23.32 -12.10 -0.30
CA THR B 53 24.52 -12.65 0.32
C THR B 53 25.40 -13.33 -0.73
N SER B 54 25.97 -12.50 -1.59
CA SER B 54 26.83 -12.99 -2.65
C SER B 54 27.61 -11.83 -3.28
N LEU B 55 28.92 -11.88 -3.12
CA LEU B 55 29.78 -10.84 -3.67
C LEU B 55 31.19 -11.40 -3.85
N LEU B 56 31.81 -11.76 -2.74
CA LEU B 56 33.15 -12.32 -2.76
C LEU B 56 34.12 -11.24 -3.27
N ALA B 1 28.75 -17.14 -10.53
CA ALA B 1 27.92 -16.00 -10.26
C ALA B 1 26.79 -15.94 -11.30
N THR B 2 25.58 -16.16 -10.82
CA THR B 2 24.41 -16.14 -11.69
C THR B 2 23.72 -14.78 -11.62
N VAL B 3 23.83 -14.05 -12.73
CA VAL B 3 23.22 -12.74 -12.81
C VAL B 3 23.03 -12.35 -14.29
N VAL B 4 22.01 -11.55 -14.54
CA VAL B 4 21.71 -11.10 -15.89
C VAL B 4 22.01 -9.61 -16.01
N SER B 5 22.80 -9.27 -17.02
CA SER B 5 23.16 -7.88 -17.25
C SER B 5 22.55 -7.39 -18.56
N GLY B 6 21.77 -6.33 -18.45
CA GLY B 6 21.11 -5.75 -19.61
C GLY B 6 19.61 -6.06 -19.61
N GLN B 7 18.89 -5.31 -20.44
CA GLN B 7 17.45 -5.50 -20.54
C GLN B 7 17.06 -5.91 -21.95
N LYS B 8 16.05 -6.75 -22.04
CA LYS B 8 15.57 -7.23 -23.32
C LYS B 8 14.22 -6.59 -23.64
N GLN B 9 13.25 -6.89 -22.79
CA GLN B 9 11.91 -6.36 -22.95
C GLN B 9 11.57 -5.41 -21.80
N ASP B 10 10.84 -4.35 -22.14
CA ASP B 10 10.43 -3.37 -21.15
C ASP B 10 8.91 -3.25 -21.14
N ARG B 11 8.39 -2.85 -19.98
CA ARG B 11 6.95 -2.70 -19.83
C ARG B 11 6.62 -2.21 -18.42
N GLN B 12 6.56 -0.90 -18.27
CA GLN B 12 6.27 -0.30 -16.98
C GLN B 12 6.18 1.22 -17.11
N GLY B 13 5.49 1.83 -16.16
CA GLY B 13 5.34 3.28 -16.15
C GLY B 13 4.83 3.76 -14.79
N GLY B 14 3.51 3.85 -14.70
CA GLY B 14 2.89 4.31 -13.45
C GLY B 14 1.44 4.76 -13.71
N GLU B 15 0.64 3.82 -14.19
CA GLU B 15 -0.75 4.09 -14.48
C GLU B 15 -1.65 3.40 -13.46
N ARG B 16 -1.94 4.11 -12.38
CA ARG B 16 -2.79 3.58 -11.33
C ARG B 16 -3.51 4.71 -10.60
N ARG B 17 -4.76 4.45 -10.26
CA ARG B 17 -5.58 5.44 -9.56
C ARG B 17 -5.83 4.99 -8.12
N ARG B 18 -6.19 5.96 -7.29
CA ARG B 18 -6.46 5.67 -5.90
C ARG B 18 -7.97 5.69 -5.64
N SER B 19 -8.69 4.93 -6.46
CA SER B 19 -10.13 4.85 -6.32
C SER B 19 -10.52 4.82 -4.85
N GLN B 20 -11.11 5.93 -4.40
CA GLN B 20 -11.53 6.04 -3.01
C GLN B 20 -10.52 5.36 -2.09
N LEU B 21 -9.28 5.81 -2.19
CA LEU B 21 -8.22 5.25 -1.37
C LEU B 21 -8.11 6.06 -0.06
N ASP B 22 -9.01 5.74 0.86
CA ASP B 22 -9.03 6.41 2.15
C ASP B 22 -7.64 6.33 2.79
N ARG B 23 -7.38 7.28 3.68
CA ARG B 23 -6.10 7.31 4.36
C ARG B 23 -5.97 6.13 5.32
N ASP B 24 -7.07 5.39 5.45
CA ASP B 24 -7.09 4.24 6.32
C ASP B 24 -7.64 3.03 5.55
N GLN B 25 -7.58 3.13 4.24
CA GLN B 25 -8.07 2.06 3.38
C GLN B 25 -6.90 1.36 2.69
N CYS B 26 -6.75 0.08 3.01
CA CYS B 26 -5.69 -0.72 2.42
C CYS B 26 -5.71 -0.53 0.91
N ALA B 27 -4.53 -0.55 0.32
CA ALA B 27 -4.40 -0.38 -1.12
C ALA B 27 -3.90 -1.69 -1.74
N TYR B 28 -4.32 -2.79 -1.13
CA TYR B 28 -3.92 -4.10 -1.61
C TYR B 28 -5.14 -5.03 -1.69
N CYS B 29 -5.80 -5.19 -0.55
CA CYS B 29 -6.97 -6.05 -0.49
C CYS B 29 -8.22 -5.18 -0.64
N LYS B 30 -8.09 -3.94 -0.17
CA LYS B 30 -9.20 -3.00 -0.26
C LYS B 30 -9.99 -3.04 1.06
N GLU B 31 -9.28 -3.37 2.13
CA GLU B 31 -9.90 -3.44 3.44
C GLU B 31 -9.45 -2.26 4.31
N LYS B 32 -10.43 -1.57 4.87
CA LYS B 32 -10.16 -0.43 5.72
C LYS B 32 -9.92 -0.91 7.15
N GLY B 33 -8.91 -0.33 7.78
CA GLY B 33 -8.58 -0.68 9.15
C GLY B 33 -7.07 -0.97 9.30
N HIS B 34 -6.46 -1.29 8.17
CA HIS B 34 -5.04 -1.58 8.14
C HIS B 34 -4.40 -0.97 6.89
N TRP B 35 -3.09 -0.77 6.97
CA TRP B 35 -2.36 -0.19 5.86
C TRP B 35 -1.82 -1.35 5.00
N ALA B 36 -1.50 -1.03 3.77
CA ALA B 36 -0.97 -2.02 2.84
C ALA B 36 0.32 -2.62 3.43
N LYS B 37 1.07 -1.76 4.10
CA LYS B 37 2.32 -2.19 4.72
C LYS B 37 2.02 -3.24 5.78
N ASP B 38 0.75 -3.35 6.13
CA ASP B 38 0.32 -4.31 7.14
C ASP B 38 -0.89 -5.09 6.61
N CYS B 39 -0.88 -5.30 5.30
CA CYS B 39 -1.97 -6.04 4.66
C CYS B 39 -1.86 -7.51 5.06
N PRO B 40 -2.99 -8.04 5.59
CA PRO B 40 -3.03 -9.44 6.01
C PRO B 40 -3.11 -10.37 4.81
N LYS B 41 -3.53 -9.81 3.68
CA LYS B 41 -3.66 -10.58 2.47
C LYS B 41 -2.26 -10.84 1.88
N LYS B 42 -1.28 -10.18 2.48
CA LYS B 42 0.09 -10.32 2.03
C LYS B 42 0.66 -11.63 2.57
N PRO B 43 0.97 -12.56 1.62
CA PRO B 43 1.51 -13.86 1.99
C PRO B 43 2.98 -13.73 2.39
N ARG B 44 3.69 -12.85 1.69
CA ARG B 44 5.10 -12.64 1.96
C ARG B 44 5.89 -13.91 1.69
N GLY B 45 7.03 -13.73 1.03
CA GLY B 45 7.88 -14.85 0.70
C GLY B 45 7.55 -15.41 -0.68
N PRO B 46 8.37 -16.42 -1.11
CA PRO B 46 9.46 -16.90 -0.28
C PRO B 46 10.62 -15.91 -0.27
N ARG B 47 11.06 -15.55 0.93
CA ARG B 47 12.16 -14.61 1.08
C ARG B 47 13.48 -15.28 0.71
N GLY B 48 14.23 -14.59 -0.13
CA GLY B 48 15.52 -15.10 -0.58
C GLY B 48 16.36 -15.59 0.60
N PRO B 49 17.35 -16.46 0.29
CA PRO B 49 18.23 -17.01 1.31
C PRO B 49 19.25 -15.96 1.76
N ARG B 50 18.93 -15.31 2.87
CA ARG B 50 19.81 -14.29 3.42
C ARG B 50 19.95 -13.13 2.44
N PRO B 51 19.96 -11.89 3.02
CA PRO B 51 20.09 -10.69 2.21
C PRO B 51 21.52 -10.52 1.71
N GLN B 52 21.65 -10.51 0.38
CA GLN B 52 22.96 -10.35 -0.23
C GLN B 52 22.86 -9.42 -1.45
N THR B 53 22.07 -9.86 -2.42
CA THR B 53 21.87 -9.08 -3.63
C THR B 53 20.39 -8.79 -3.85
N SER B 54 20.10 -7.51 -4.05
CA SER B 54 18.73 -7.08 -4.27
C SER B 54 18.51 -6.76 -5.75
N LEU B 55 17.44 -7.31 -6.29
CA LEU B 55 17.11 -7.10 -7.69
C LEU B 55 16.12 -5.94 -7.80
N LEU B 56 16.37 -5.06 -8.77
CA LEU B 56 15.50 -3.92 -8.99
C LEU B 56 14.43 -4.28 -10.01
N ALA B 1 -1.37 21.28 35.32
CA ALA B 1 -0.57 21.31 34.11
C ALA B 1 -1.43 21.77 32.94
N THR B 2 -1.12 22.96 32.44
CA THR B 2 -1.86 23.52 31.32
C THR B 2 -0.89 24.07 30.27
N VAL B 3 -1.02 23.55 29.07
CA VAL B 3 -0.17 23.98 27.97
C VAL B 3 -0.96 23.91 26.66
N VAL B 4 -1.03 25.05 25.99
CA VAL B 4 -1.75 25.14 24.72
C VAL B 4 -0.99 24.37 23.66
N SER B 5 -1.60 24.27 22.49
CA SER B 5 -1.00 23.56 21.37
C SER B 5 -1.80 23.81 20.09
N GLY B 6 -1.13 23.65 18.97
CA GLY B 6 -1.76 23.85 17.67
C GLY B 6 -2.19 22.52 17.06
N GLN B 7 -2.97 22.62 15.99
CA GLN B 7 -3.45 21.44 15.30
C GLN B 7 -3.83 21.78 13.86
N LYS B 8 -2.82 21.96 13.04
CA LYS B 8 -3.03 22.29 11.64
C LYS B 8 -1.69 22.33 10.91
N GLN B 9 -1.77 22.54 9.61
CA GLN B 9 -0.57 22.60 8.79
C GLN B 9 -0.87 23.27 7.45
N ASP B 10 0.06 24.11 7.01
CA ASP B 10 -0.09 24.83 5.77
C ASP B 10 0.61 24.05 4.65
N ARG B 11 -0.21 23.36 3.85
CA ARG B 11 0.32 22.58 2.75
C ARG B 11 -0.82 21.90 1.99
N GLN B 12 -1.62 21.15 2.75
CA GLN B 12 -2.75 20.45 2.15
C GLN B 12 -2.26 19.38 1.18
N GLY B 13 -2.87 18.21 1.28
CA GLY B 13 -2.51 17.09 0.42
C GLY B 13 -2.87 17.39 -1.04
N GLY B 14 -1.86 17.31 -1.89
CA GLY B 14 -2.05 17.56 -3.31
C GLY B 14 -3.29 16.83 -3.84
N GLU B 15 -3.95 17.45 -4.81
CA GLU B 15 -5.14 16.86 -5.39
C GLU B 15 -4.76 15.68 -6.29
N ARG B 16 -5.42 14.56 -6.04
CA ARG B 16 -5.16 13.36 -6.82
C ARG B 16 -6.44 12.53 -6.96
N ARG B 17 -6.41 11.60 -7.90
CA ARG B 17 -7.55 10.74 -8.14
C ARG B 17 -7.16 9.27 -7.99
N ARG B 18 -7.35 8.76 -6.78
CA ARG B 18 -7.01 7.38 -6.50
C ARG B 18 -8.23 6.65 -5.89
N SER B 19 -9.24 6.47 -6.73
CA SER B 19 -10.46 5.80 -6.29
C SER B 19 -10.81 6.23 -4.87
N GLN B 20 -11.45 5.33 -4.16
CA GLN B 20 -11.86 5.59 -2.79
C GLN B 20 -10.76 5.15 -1.82
N LEU B 21 -9.53 5.23 -2.28
CA LEU B 21 -8.39 4.84 -1.47
C LEU B 21 -8.28 5.78 -0.27
N ASP B 22 -9.07 5.48 0.76
CA ASP B 22 -9.06 6.28 1.97
C ASP B 22 -7.66 6.27 2.59
N ARG B 23 -7.39 7.28 3.39
CA ARG B 23 -6.10 7.39 4.05
C ARG B 23 -5.93 6.27 5.07
N ASP B 24 -7.01 5.54 5.29
CA ASP B 24 -6.99 4.44 6.24
C ASP B 24 -7.55 3.19 5.57
N GLN B 25 -7.46 3.17 4.24
CA GLN B 25 -7.95 2.04 3.48
C GLN B 25 -6.79 1.30 2.81
N CYS B 26 -6.68 0.01 3.13
CA CYS B 26 -5.62 -0.81 2.57
C CYS B 26 -5.68 -0.70 1.05
N ALA B 27 -4.54 -0.40 0.46
CA ALA B 27 -4.44 -0.25 -0.99
C ALA B 27 -3.88 -1.54 -1.58
N TYR B 28 -4.27 -2.66 -0.98
CA TYR B 28 -3.82 -3.96 -1.43
C TYR B 28 -4.99 -4.93 -1.58
N CYS B 29 -5.76 -5.05 -0.51
CA CYS B 29 -6.91 -5.94 -0.51
C CYS B 29 -8.17 -5.08 -0.52
N LYS B 30 -8.00 -3.81 -0.15
CA LYS B 30 -9.11 -2.88 -0.12
C LYS B 30 -9.80 -2.96 1.24
N GLU B 31 -9.04 -3.44 2.23
CA GLU B 31 -9.55 -3.58 3.57
C GLU B 31 -9.35 -2.27 4.35
N LYS B 32 -10.45 -1.73 4.84
CA LYS B 32 -10.40 -0.50 5.61
C LYS B 32 -10.09 -0.81 7.08
N GLY B 33 -9.01 -0.24 7.56
CA GLY B 33 -8.60 -0.45 8.93
C GLY B 33 -7.09 -0.63 9.04
N HIS B 34 -6.55 -1.42 8.12
CA HIS B 34 -5.12 -1.68 8.10
C HIS B 34 -4.52 -1.12 6.81
N TRP B 35 -3.23 -0.85 6.86
CA TRP B 35 -2.52 -0.32 5.72
C TRP B 35 -1.99 -1.49 4.89
N ALA B 36 -1.74 -1.22 3.62
CA ALA B 36 -1.23 -2.24 2.72
C ALA B 36 0.11 -2.75 3.26
N LYS B 37 0.86 -1.85 3.86
CA LYS B 37 2.16 -2.19 4.42
C LYS B 37 1.96 -3.17 5.59
N ASP B 38 0.71 -3.31 5.99
CA ASP B 38 0.38 -4.19 7.09
C ASP B 38 -0.78 -5.10 6.69
N CYS B 39 -0.87 -5.33 5.38
CA CYS B 39 -1.92 -6.18 4.84
C CYS B 39 -1.65 -7.62 5.29
N PRO B 40 -2.71 -8.25 5.86
CA PRO B 40 -2.61 -9.62 6.33
C PRO B 40 -2.60 -10.60 5.16
N LYS B 41 -2.69 -10.05 3.96
CA LYS B 41 -2.71 -10.86 2.76
C LYS B 41 -1.30 -10.91 2.17
N LYS B 42 -0.47 -9.96 2.59
CA LYS B 42 0.89 -9.88 2.11
C LYS B 42 1.57 -11.24 2.30
N PRO B 43 2.59 -11.50 1.44
CA PRO B 43 3.33 -12.75 1.50
C PRO B 43 4.28 -12.77 2.68
N ARG B 44 4.06 -13.72 3.58
CA ARG B 44 4.89 -13.85 4.77
C ARG B 44 6.18 -14.60 4.43
N GLY B 45 7.11 -13.88 3.83
CA GLY B 45 8.39 -14.46 3.45
C GLY B 45 8.37 -14.93 1.99
N PRO B 46 9.55 -15.42 1.53
CA PRO B 46 10.72 -15.49 2.39
C PRO B 46 11.33 -14.11 2.58
N ARG B 47 12.34 -14.06 3.44
CA ARG B 47 13.03 -12.81 3.73
C ARG B 47 14.33 -12.72 2.93
N GLY B 48 14.28 -11.94 1.86
CA GLY B 48 15.44 -11.76 1.01
C GLY B 48 15.08 -11.96 -0.47
N PRO B 49 15.18 -10.84 -1.24
CA PRO B 49 14.86 -10.88 -2.66
C PRO B 49 15.97 -11.56 -3.45
N ARG B 50 15.56 -12.25 -4.50
CA ARG B 50 16.51 -12.96 -5.35
C ARG B 50 17.15 -12.00 -6.35
N PRO B 51 18.49 -11.81 -6.18
CA PRO B 51 19.24 -10.93 -7.06
C PRO B 51 19.46 -11.57 -8.44
N GLN B 52 19.17 -10.79 -9.47
CA GLN B 52 19.33 -11.26 -10.83
C GLN B 52 20.72 -10.91 -11.36
N THR B 53 21.48 -11.95 -11.69
CA THR B 53 22.82 -11.76 -12.20
C THR B 53 22.92 -12.28 -13.64
N SER B 54 23.62 -11.53 -14.45
CA SER B 54 23.81 -11.89 -15.84
C SER B 54 24.78 -10.93 -16.53
N LEU B 55 25.52 -11.47 -17.48
CA LEU B 55 26.50 -10.67 -18.21
C LEU B 55 25.80 -9.97 -19.38
N LEU B 56 25.33 -10.76 -20.32
CA LEU B 56 24.65 -10.23 -21.48
C LEU B 56 25.50 -9.11 -22.10
N ALA B 1 16.21 36.94 -2.40
CA ALA B 1 16.57 35.84 -1.54
C ALA B 1 15.34 34.98 -1.25
N THR B 2 14.90 34.30 -2.30
CA THR B 2 13.73 33.43 -2.18
C THR B 2 14.06 32.02 -2.67
N VAL B 3 13.25 31.07 -2.23
CA VAL B 3 13.44 29.69 -2.60
C VAL B 3 12.08 28.98 -2.67
N VAL B 4 11.83 28.37 -3.83
CA VAL B 4 10.58 27.67 -4.03
C VAL B 4 10.86 26.30 -4.68
N SER B 5 11.67 26.34 -5.73
CA SER B 5 12.03 25.13 -6.44
C SER B 5 12.92 24.25 -5.56
N GLY B 6 12.40 23.08 -5.22
CA GLY B 6 13.13 22.14 -4.39
C GLY B 6 14.28 21.49 -5.17
N GLN B 7 14.12 20.21 -5.43
CA GLN B 7 15.13 19.46 -6.15
C GLN B 7 14.52 18.22 -6.80
N LYS B 8 13.99 17.35 -5.95
CA LYS B 8 13.37 16.12 -6.42
C LYS B 8 11.85 16.22 -6.25
N GLN B 9 11.17 16.26 -7.38
CA GLN B 9 9.71 16.36 -7.37
C GLN B 9 9.12 15.26 -6.50
N ASP B 10 9.71 14.08 -6.59
CA ASP B 10 9.25 12.94 -5.83
C ASP B 10 7.80 12.64 -6.18
N ARG B 11 7.62 11.67 -7.07
CA ARG B 11 6.29 11.27 -7.50
C ARG B 11 5.67 10.32 -6.49
N GLN B 12 4.36 10.48 -6.31
CA GLN B 12 3.63 9.64 -5.38
C GLN B 12 3.05 8.41 -6.10
N GLY B 13 2.09 8.68 -6.98
CA GLY B 13 1.45 7.62 -7.73
C GLY B 13 0.05 8.03 -8.18
N GLY B 14 -0.47 7.30 -9.16
CA GLY B 14 -1.80 7.58 -9.67
C GLY B 14 -1.74 8.65 -10.77
N GLU B 15 -2.69 8.53 -11.70
CA GLU B 15 -2.76 9.48 -12.80
C GLU B 15 -4.05 10.27 -12.73
N ARG B 16 -5.11 9.61 -12.28
CA ARG B 16 -6.41 10.24 -12.16
C ARG B 16 -7.20 9.61 -11.02
N ARG B 17 -7.31 10.35 -9.93
CA ARG B 17 -8.04 9.87 -8.77
C ARG B 17 -7.52 8.49 -8.35
N ARG B 18 -8.00 8.04 -7.20
CA ARG B 18 -7.60 6.75 -6.68
C ARG B 18 -8.74 6.12 -5.88
N SER B 19 -9.89 6.04 -6.52
CA SER B 19 -11.07 5.46 -5.90
C SER B 19 -11.15 5.90 -4.42
N GLN B 20 -11.11 7.22 -4.24
CA GLN B 20 -11.18 7.78 -2.89
C GLN B 20 -10.36 6.92 -1.92
N LEU B 21 -9.12 6.66 -2.30
CA LEU B 21 -8.24 5.86 -1.48
C LEU B 21 -8.18 6.46 -0.08
N ASP B 22 -9.09 6.00 0.78
CA ASP B 22 -9.14 6.48 2.15
C ASP B 22 -7.77 6.33 2.80
N ARG B 23 -7.43 7.30 3.64
CA ARG B 23 -6.16 7.28 4.33
C ARG B 23 -6.07 6.06 5.25
N ASP B 24 -7.21 5.41 5.43
CA ASP B 24 -7.28 4.23 6.28
C ASP B 24 -7.86 3.07 5.49
N GLN B 25 -7.57 3.06 4.20
CA GLN B 25 -8.05 2.01 3.32
C GLN B 25 -6.89 1.29 2.66
N CYS B 26 -6.72 0.02 3.04
CA CYS B 26 -5.65 -0.79 2.49
C CYS B 26 -5.69 -0.68 0.97
N ALA B 27 -4.54 -0.37 0.39
CA ALA B 27 -4.43 -0.23 -1.04
C ALA B 27 -3.90 -1.54 -1.65
N TYR B 28 -4.30 -2.65 -1.02
CA TYR B 28 -3.88 -3.96 -1.47
C TYR B 28 -5.08 -4.90 -1.62
N CYS B 29 -5.76 -5.11 -0.51
CA CYS B 29 -6.92 -5.99 -0.50
C CYS B 29 -8.18 -5.12 -0.55
N LYS B 30 -8.00 -3.86 -0.17
CA LYS B 30 -9.11 -2.92 -0.17
C LYS B 30 -9.82 -2.97 1.19
N GLU B 31 -9.08 -3.43 2.19
CA GLU B 31 -9.62 -3.53 3.53
C GLU B 31 -9.35 -2.24 4.32
N LYS B 32 -10.42 -1.70 4.87
CA LYS B 32 -10.31 -0.47 5.65
C LYS B 32 -10.02 -0.83 7.10
N GLY B 33 -8.96 -0.23 7.64
CA GLY B 33 -8.56 -0.47 9.01
C GLY B 33 -7.06 -0.68 9.12
N HIS B 34 -6.52 -1.43 8.18
CA HIS B 34 -5.10 -1.71 8.15
C HIS B 34 -4.48 -1.12 6.88
N TRP B 35 -3.17 -0.87 6.96
CA TRP B 35 -2.45 -0.31 5.84
C TRP B 35 -1.93 -1.47 4.98
N ALA B 36 -1.69 -1.17 3.72
CA ALA B 36 -1.20 -2.17 2.80
C ALA B 36 0.14 -2.72 3.31
N LYS B 37 0.90 -1.82 3.92
CA LYS B 37 2.21 -2.21 4.46
C LYS B 37 2.01 -3.24 5.56
N ASP B 38 0.77 -3.32 6.05
CA ASP B 38 0.44 -4.26 7.10
C ASP B 38 -0.77 -5.09 6.68
N CYS B 39 -0.86 -5.33 5.37
CA CYS B 39 -1.97 -6.10 4.83
C CYS B 39 -1.81 -7.55 5.29
N PRO B 40 -2.91 -8.08 5.88
CA PRO B 40 -2.92 -9.44 6.38
C PRO B 40 -3.01 -10.44 5.22
N LYS B 41 -3.52 -9.95 4.10
CA LYS B 41 -3.67 -10.79 2.92
C LYS B 41 -2.32 -10.95 2.24
N LYS B 42 -1.33 -10.23 2.75
CA LYS B 42 0.01 -10.28 2.20
C LYS B 42 0.72 -11.52 2.73
N PRO B 43 1.70 -12.01 1.92
CA PRO B 43 2.45 -13.20 2.30
C PRO B 43 3.47 -12.87 3.40
N ARG B 44 3.51 -13.74 4.40
CA ARG B 44 4.42 -13.55 5.51
C ARG B 44 5.65 -14.46 5.35
N GLY B 45 6.82 -13.84 5.32
CA GLY B 45 8.05 -14.59 5.18
C GLY B 45 8.63 -14.42 3.77
N PRO B 46 9.82 -15.04 3.55
CA PRO B 46 10.45 -15.82 4.61
C PRO B 46 11.09 -14.89 5.66
N ARG B 47 11.48 -15.51 6.77
CA ARG B 47 12.10 -14.75 7.85
C ARG B 47 13.08 -13.71 7.29
N GLY B 48 12.95 -12.50 7.80
CA GLY B 48 13.80 -11.41 7.35
C GLY B 48 15.02 -11.25 8.28
N PRO B 49 16.14 -10.78 7.67
CA PRO B 49 17.36 -10.59 8.42
C PRO B 49 17.27 -9.33 9.30
N ARG B 50 18.42 -8.97 9.87
CA ARG B 50 18.48 -7.80 10.73
C ARG B 50 19.38 -6.73 10.11
N PRO B 51 18.72 -5.79 9.38
CA PRO B 51 19.44 -4.70 8.73
C PRO B 51 19.89 -3.66 9.75
N GLN B 52 19.00 -3.37 10.70
CA GLN B 52 19.30 -2.39 11.73
C GLN B 52 19.83 -1.10 11.10
N THR B 53 18.91 -0.33 10.54
CA THR B 53 19.27 0.92 9.91
C THR B 53 18.44 2.07 10.49
N SER B 54 17.14 1.83 10.58
CA SER B 54 16.24 2.83 11.11
C SER B 54 16.29 4.10 10.25
N LEU B 55 15.23 4.30 9.48
CA LEU B 55 15.14 5.46 8.62
C LEU B 55 13.94 6.31 9.02
N LEU B 56 14.16 7.14 10.03
CA LEU B 56 13.10 8.01 10.52
C LEU B 56 13.31 9.43 9.98
N ALA B 1 31.91 10.65 12.61
CA ALA B 1 31.40 11.22 13.85
C ALA B 1 29.94 11.64 13.64
N THR B 2 29.04 10.84 14.20
CA THR B 2 27.62 11.13 14.09
C THR B 2 27.17 11.03 12.63
N VAL B 3 27.54 12.04 11.85
CA VAL B 3 27.18 12.08 10.45
C VAL B 3 25.67 12.16 10.31
N VAL B 4 25.18 13.39 10.21
CA VAL B 4 23.75 13.62 10.08
C VAL B 4 23.40 13.78 8.60
N SER B 5 22.45 12.96 8.16
CA SER B 5 22.02 12.99 6.77
C SER B 5 20.79 12.10 6.58
N GLY B 6 20.02 12.42 5.56
CA GLY B 6 18.81 11.66 5.27
C GLY B 6 18.47 11.73 3.77
N GLN B 7 17.18 11.54 3.49
CA GLN B 7 16.71 11.59 2.11
C GLN B 7 15.19 11.50 2.07
N LYS B 8 14.60 12.29 1.18
CA LYS B 8 13.16 12.31 1.03
C LYS B 8 12.75 11.34 -0.07
N GLN B 9 11.69 10.59 0.21
CA GLN B 9 11.19 9.62 -0.75
C GLN B 9 9.99 10.19 -1.49
N ASP B 10 9.99 9.99 -2.81
CA ASP B 10 8.91 10.47 -3.65
C ASP B 10 8.88 12.00 -3.61
N ARG B 11 8.06 12.58 -4.48
CA ARG B 11 7.94 14.02 -4.54
C ARG B 11 6.47 14.43 -4.41
N GLN B 12 5.86 13.98 -3.32
CA GLN B 12 4.46 14.29 -3.07
C GLN B 12 3.56 13.47 -3.99
N GLY B 13 3.78 13.65 -5.28
CA GLY B 13 2.99 12.94 -6.28
C GLY B 13 1.79 13.78 -6.71
N GLY B 14 0.65 13.45 -6.13
CA GLY B 14 -0.59 14.15 -6.45
C GLY B 14 -1.80 13.22 -6.30
N GLU B 15 -2.97 13.84 -6.34
CA GLU B 15 -4.21 13.08 -6.22
C GLU B 15 -4.30 12.01 -7.30
N ARG B 16 -4.19 12.46 -8.54
CA ARG B 16 -4.26 11.55 -9.68
C ARG B 16 -5.68 11.01 -9.85
N ARG B 17 -6.16 10.34 -8.82
CA ARG B 17 -7.50 9.77 -8.85
C ARG B 17 -7.80 9.06 -7.51
N ARG B 18 -6.94 8.12 -7.17
CA ARG B 18 -7.11 7.37 -5.94
C ARG B 18 -8.59 7.04 -5.71
N SER B 19 -9.09 6.14 -6.55
CA SER B 19 -10.49 5.74 -6.45
C SER B 19 -10.87 5.56 -4.98
N GLN B 20 -11.49 6.61 -4.44
CA GLN B 20 -11.91 6.59 -3.05
C GLN B 20 -10.87 5.87 -2.18
N LEU B 21 -9.64 6.34 -2.29
CA LEU B 21 -8.55 5.76 -1.52
C LEU B 21 -8.45 6.46 -0.17
N ASP B 22 -9.13 5.89 0.82
CA ASP B 22 -9.13 6.45 2.16
C ASP B 22 -7.72 6.37 2.73
N ARG B 23 -7.39 7.35 3.57
CA ARG B 23 -6.08 7.41 4.20
C ARG B 23 -5.91 6.24 5.16
N ASP B 24 -7.00 5.52 5.38
CA ASP B 24 -6.98 4.37 6.28
C ASP B 24 -7.55 3.16 5.56
N GLN B 25 -7.44 3.18 4.24
CA GLN B 25 -7.94 2.09 3.43
C GLN B 25 -6.77 1.33 2.77
N CYS B 26 -6.68 0.05 3.09
CA CYS B 26 -5.63 -0.78 2.55
C CYS B 26 -5.70 -0.71 1.03
N ALA B 27 -4.55 -0.42 0.43
CA ALA B 27 -4.46 -0.31 -1.02
C ALA B 27 -3.89 -1.61 -1.59
N TYR B 28 -4.26 -2.71 -0.95
CA TYR B 28 -3.79 -4.02 -1.38
C TYR B 28 -4.95 -4.99 -1.54
N CYS B 29 -5.76 -5.08 -0.49
CA CYS B 29 -6.91 -5.97 -0.50
C CYS B 29 -8.17 -5.12 -0.56
N LYS B 30 -8.03 -3.86 -0.15
CA LYS B 30 -9.15 -2.93 -0.14
C LYS B 30 -9.88 -3.02 1.19
N GLU B 31 -9.14 -3.42 2.21
CA GLU B 31 -9.70 -3.55 3.55
C GLU B 31 -9.39 -2.30 4.37
N LYS B 32 -10.46 -1.65 4.81
CA LYS B 32 -10.33 -0.45 5.61
C LYS B 32 -10.01 -0.83 7.06
N GLY B 33 -8.97 -0.22 7.60
CA GLY B 33 -8.57 -0.49 8.97
C GLY B 33 -7.05 -0.65 9.07
N HIS B 34 -6.51 -1.46 8.15
CA HIS B 34 -5.08 -1.72 8.13
C HIS B 34 -4.48 -1.13 6.85
N TRP B 35 -3.19 -0.84 6.92
CA TRP B 35 -2.49 -0.27 5.79
C TRP B 35 -1.97 -1.43 4.92
N ALA B 36 -1.68 -1.11 3.67
CA ALA B 36 -1.18 -2.11 2.74
C ALA B 36 0.13 -2.68 3.27
N LYS B 37 0.89 -1.81 3.93
CA LYS B 37 2.17 -2.22 4.49
C LYS B 37 1.94 -3.19 5.65
N ASP B 38 0.66 -3.32 6.03
CA ASP B 38 0.30 -4.22 7.11
C ASP B 38 -0.82 -5.15 6.64
N CYS B 39 -0.91 -5.28 5.32
CA CYS B 39 -1.92 -6.14 4.72
C CYS B 39 -1.59 -7.59 5.07
N PRO B 40 -2.62 -8.34 5.55
CA PRO B 40 -2.45 -9.72 5.92
C PRO B 40 -2.35 -10.61 4.67
N LYS B 41 -2.42 -9.97 3.52
CA LYS B 41 -2.34 -10.69 2.26
C LYS B 41 -0.92 -10.63 1.73
N LYS B 42 -0.17 -9.66 2.25
CA LYS B 42 1.22 -9.49 1.84
C LYS B 42 2.03 -10.72 2.26
N PRO B 43 2.48 -11.48 1.23
CA PRO B 43 3.26 -12.68 1.47
C PRO B 43 4.70 -12.33 1.89
N ARG B 44 4.80 -11.60 2.99
CA ARG B 44 6.09 -11.19 3.50
C ARG B 44 6.07 -11.16 5.03
N GLY B 45 7.15 -11.66 5.62
CA GLY B 45 7.27 -11.70 7.05
C GLY B 45 7.12 -13.14 7.58
N PRO B 46 7.18 -13.26 8.94
CA PRO B 46 7.39 -12.10 9.78
C PRO B 46 8.84 -11.62 9.73
N ARG B 47 9.63 -12.32 8.93
CA ARG B 47 11.03 -11.98 8.78
C ARG B 47 11.18 -10.62 8.09
N GLY B 48 11.13 -9.58 8.91
CA GLY B 48 11.25 -8.23 8.39
C GLY B 48 11.74 -7.27 9.48
N PRO B 49 13.06 -7.02 9.47
CA PRO B 49 13.67 -6.12 10.45
C PRO B 49 13.35 -4.67 10.13
N ARG B 50 13.43 -3.83 11.16
CA ARG B 50 13.15 -2.41 11.00
C ARG B 50 14.04 -1.59 11.94
N PRO B 51 14.39 -0.37 11.48
CA PRO B 51 15.22 0.53 12.27
C PRO B 51 14.43 1.14 13.42
N GLN B 52 14.72 0.67 14.62
CA GLN B 52 14.06 1.17 15.81
C GLN B 52 14.42 2.63 16.05
N THR B 53 13.45 3.36 16.59
CA THR B 53 13.66 4.78 16.88
C THR B 53 13.43 5.06 18.36
N SER B 54 13.89 6.23 18.78
CA SER B 54 13.73 6.63 20.17
C SER B 54 13.48 8.14 20.26
N LEU B 55 14.44 8.89 19.72
CA LEU B 55 14.34 10.34 19.74
C LEU B 55 14.24 10.86 18.30
N LEU B 56 15.02 10.21 17.43
CA LEU B 56 15.03 10.60 16.03
C LEU B 56 14.99 12.12 15.91
N ALA B 1 -50.25 -2.27 -14.56
CA ALA B 1 -51.04 -1.35 -13.75
C ALA B 1 -50.45 -1.28 -12.34
N THR B 2 -50.76 -0.20 -11.66
CA THR B 2 -50.27 0.01 -10.31
C THR B 2 -48.74 0.06 -10.31
N VAL B 3 -48.22 1.23 -9.96
CA VAL B 3 -46.78 1.41 -9.90
C VAL B 3 -46.45 2.55 -8.92
N VAL B 4 -45.39 2.33 -8.16
CA VAL B 4 -44.96 3.31 -7.18
C VAL B 4 -43.43 3.33 -7.11
N SER B 5 -42.89 4.49 -6.75
CA SER B 5 -41.45 4.63 -6.64
C SER B 5 -41.11 6.07 -6.26
N GLY B 6 -39.84 6.28 -5.93
CA GLY B 6 -39.37 7.60 -5.55
C GLY B 6 -37.86 7.58 -5.26
N GLN B 7 -37.25 8.74 -5.45
CA GLN B 7 -35.81 8.88 -5.22
C GLN B 7 -35.36 10.29 -5.55
N LYS B 8 -34.43 10.78 -4.74
CA LYS B 8 -33.90 12.12 -4.94
C LYS B 8 -32.38 12.10 -4.72
N GLN B 9 -31.66 12.47 -5.76
CA GLN B 9 -30.21 12.50 -5.70
C GLN B 9 -29.64 13.25 -6.91
N ASP B 10 -28.51 13.91 -6.68
CA ASP B 10 -27.86 14.66 -7.74
C ASP B 10 -26.64 15.38 -7.17
N ARG B 11 -25.78 15.84 -8.07
CA ARG B 11 -24.57 16.54 -7.67
C ARG B 11 -23.62 15.58 -6.96
N GLN B 12 -22.33 15.88 -7.09
CA GLN B 12 -21.31 15.05 -6.47
C GLN B 12 -20.43 15.90 -5.56
N GLY B 13 -19.81 16.91 -6.16
CA GLY B 13 -18.94 17.80 -5.41
C GLY B 13 -17.65 17.09 -4.99
N GLY B 14 -16.58 17.38 -5.72
CA GLY B 14 -15.29 16.77 -5.44
C GLY B 14 -14.15 17.61 -6.03
N GLU B 15 -12.93 17.19 -5.71
CA GLU B 15 -11.76 17.89 -6.21
C GLU B 15 -10.77 16.89 -6.82
N ARG B 16 -10.22 16.06 -5.97
CA ARG B 16 -9.26 15.05 -6.41
C ARG B 16 -8.80 14.19 -5.22
N ARG B 17 -8.79 12.89 -5.45
CA ARG B 17 -8.38 11.95 -4.41
C ARG B 17 -8.17 10.56 -5.01
N ARG B 18 -7.35 9.78 -4.33
CA ARG B 18 -7.04 8.43 -4.78
C ARG B 18 -8.34 7.62 -4.91
N SER B 19 -8.34 6.76 -5.92
CA SER B 19 -9.50 5.92 -6.17
C SER B 19 -10.03 5.33 -4.85
N GLN B 20 -11.01 6.03 -4.29
CA GLN B 20 -11.60 5.60 -3.04
C GLN B 20 -10.53 5.00 -2.13
N LEU B 21 -9.39 5.67 -2.07
CA LEU B 21 -8.29 5.22 -1.25
C LEU B 21 -8.22 6.07 0.02
N ASP B 22 -9.02 5.66 1.00
CA ASP B 22 -9.07 6.37 2.27
C ASP B 22 -7.68 6.36 2.91
N ARG B 23 -7.47 7.31 3.81
CA ARG B 23 -6.19 7.41 4.50
C ARG B 23 -5.99 6.20 5.42
N ASP B 24 -7.04 5.41 5.54
CA ASP B 24 -6.99 4.22 6.37
C ASP B 24 -7.54 3.02 5.60
N GLN B 25 -7.48 3.14 4.28
CA GLN B 25 -7.97 2.08 3.41
C GLN B 25 -6.80 1.34 2.76
N CYS B 26 -6.71 0.06 3.08
CA CYS B 26 -5.64 -0.76 2.54
C CYS B 26 -5.70 -0.67 1.01
N ALA B 27 -4.54 -0.42 0.42
CA ALA B 27 -4.45 -0.31 -1.02
C ALA B 27 -3.89 -1.62 -1.60
N TYR B 28 -4.25 -2.71 -0.95
CA TYR B 28 -3.80 -4.03 -1.39
C TYR B 28 -4.98 -4.98 -1.54
N CYS B 29 -5.75 -5.11 -0.47
CA CYS B 29 -6.91 -5.99 -0.50
C CYS B 29 -8.16 -5.12 -0.58
N LYS B 30 -8.02 -3.88 -0.14
CA LYS B 30 -9.13 -2.95 -0.16
C LYS B 30 -9.89 -3.02 1.16
N GLU B 31 -9.17 -3.42 2.20
CA GLU B 31 -9.75 -3.53 3.52
C GLU B 31 -9.42 -2.31 4.36
N LYS B 32 -10.47 -1.65 4.84
CA LYS B 32 -10.30 -0.46 5.65
C LYS B 32 -9.99 -0.87 7.09
N GLY B 33 -8.96 -0.25 7.65
CA GLY B 33 -8.55 -0.54 9.00
C GLY B 33 -7.03 -0.70 9.10
N HIS B 34 -6.48 -1.45 8.16
CA HIS B 34 -5.05 -1.69 8.11
C HIS B 34 -4.46 -1.08 6.84
N TRP B 35 -3.16 -0.84 6.89
CA TRP B 35 -2.46 -0.27 5.75
C TRP B 35 -1.94 -1.42 4.89
N ALA B 36 -1.62 -1.09 3.65
CA ALA B 36 -1.11 -2.08 2.71
C ALA B 36 0.19 -2.67 3.27
N LYS B 37 0.95 -1.83 3.95
CA LYS B 37 2.21 -2.26 4.53
C LYS B 37 1.93 -3.22 5.69
N ASP B 38 0.64 -3.32 6.04
CA ASP B 38 0.24 -4.19 7.12
C ASP B 38 -0.89 -5.11 6.62
N CYS B 39 -0.95 -5.26 5.32
CA CYS B 39 -1.97 -6.10 4.71
C CYS B 39 -1.68 -7.54 5.08
N PRO B 40 -2.74 -8.24 5.58
CA PRO B 40 -2.62 -9.63 5.98
C PRO B 40 -2.55 -10.55 4.76
N LYS B 41 -2.60 -9.93 3.59
CA LYS B 41 -2.54 -10.67 2.34
C LYS B 41 -1.10 -10.69 1.83
N LYS B 42 -0.32 -9.75 2.33
CA LYS B 42 1.07 -9.64 1.93
C LYS B 42 1.88 -10.74 2.63
N PRO B 43 3.01 -11.13 1.96
CA PRO B 43 3.87 -12.16 2.50
C PRO B 43 4.71 -11.63 3.67
N ARG B 44 4.89 -12.49 4.66
CA ARG B 44 5.66 -12.12 5.83
C ARG B 44 6.85 -13.08 6.02
N GLY B 45 7.94 -12.72 5.38
CA GLY B 45 9.15 -13.54 5.45
C GLY B 45 10.26 -12.80 6.20
N PRO B 46 11.40 -13.52 6.40
CA PRO B 46 11.51 -14.89 5.92
C PRO B 46 10.71 -15.85 6.80
N ARG B 47 10.37 -16.98 6.22
CA ARG B 47 9.61 -17.99 6.94
C ARG B 47 10.09 -18.10 8.39
N GLY B 48 9.24 -17.63 9.29
CA GLY B 48 9.57 -17.67 10.71
C GLY B 48 9.76 -19.10 11.19
N PRO B 49 9.95 -19.24 12.53
CA PRO B 49 10.15 -20.54 13.14
C PRO B 49 8.83 -21.32 13.21
N ARG B 50 8.34 -21.69 12.04
CA ARG B 50 7.09 -22.43 11.96
C ARG B 50 7.09 -23.34 10.72
N PRO B 51 6.42 -24.51 10.88
CA PRO B 51 6.34 -25.47 9.78
C PRO B 51 5.35 -25.01 8.71
N GLN B 52 5.75 -25.21 7.46
CA GLN B 52 4.91 -24.82 6.34
C GLN B 52 5.24 -25.67 5.11
N THR B 53 4.21 -26.30 4.57
CA THR B 53 4.38 -27.14 3.39
C THR B 53 3.18 -27.00 2.47
N SER B 54 3.42 -26.42 1.30
CA SER B 54 2.36 -26.24 0.32
C SER B 54 2.67 -27.03 -0.95
N LEU B 55 1.69 -27.80 -1.38
CA LEU B 55 1.85 -28.61 -2.58
C LEU B 55 0.51 -29.26 -2.92
N LEU B 56 0.47 -29.86 -4.12
CA LEU B 56 -0.74 -30.51 -4.57
C LEU B 56 -0.96 -31.79 -3.76
N ALA B 1 -43.23 17.65 29.00
CA ALA B 1 -42.67 18.46 27.93
C ALA B 1 -41.29 17.92 27.55
N THR B 2 -41.17 17.58 26.28
CA THR B 2 -39.92 17.04 25.76
C THR B 2 -39.43 17.88 24.58
N VAL B 3 -38.11 18.07 24.53
CA VAL B 3 -37.50 18.84 23.47
C VAL B 3 -36.60 17.92 22.63
N VAL B 4 -35.60 17.37 23.29
CA VAL B 4 -34.66 16.48 22.63
C VAL B 4 -33.90 17.26 21.57
N SER B 5 -32.57 17.24 21.69
CA SER B 5 -31.72 17.94 20.75
C SER B 5 -30.26 17.51 20.95
N GLY B 6 -29.49 17.62 19.87
CA GLY B 6 -28.09 17.26 19.92
C GLY B 6 -27.61 16.74 18.55
N GLN B 7 -27.70 17.61 17.56
CA GLN B 7 -27.29 17.26 16.22
C GLN B 7 -25.91 16.60 16.24
N LYS B 8 -25.68 15.74 15.25
CA LYS B 8 -24.42 15.04 15.16
C LYS B 8 -24.19 14.61 13.70
N GLN B 9 -23.05 15.02 13.16
CA GLN B 9 -22.71 14.69 11.79
C GLN B 9 -21.27 15.13 11.49
N ASP B 10 -20.56 14.26 10.78
CA ASP B 10 -19.19 14.55 10.42
C ASP B 10 -18.70 13.50 9.40
N ARG B 11 -18.06 14.01 8.35
CA ARG B 11 -17.56 13.14 7.30
C ARG B 11 -16.02 13.10 7.35
N GLN B 12 -15.49 11.93 7.04
CA GLN B 12 -14.04 11.75 7.04
C GLN B 12 -13.46 12.17 5.69
N GLY B 13 -12.14 12.30 5.67
CA GLY B 13 -11.45 12.70 4.45
C GLY B 13 -10.02 12.14 4.43
N GLY B 14 -9.44 12.14 3.24
CA GLY B 14 -8.08 11.66 3.06
C GLY B 14 -7.51 12.09 1.72
N GLU B 15 -6.92 11.13 1.02
CA GLU B 15 -6.32 11.39 -0.27
C GLU B 15 -7.41 11.72 -1.30
N ARG B 16 -6.98 12.23 -2.44
CA ARG B 16 -7.90 12.58 -3.50
C ARG B 16 -7.34 12.15 -4.85
N ARG B 17 -8.25 11.92 -5.79
CA ARG B 17 -7.86 11.51 -7.14
C ARG B 17 -7.23 10.11 -7.09
N ARG B 18 -8.01 9.17 -6.59
CA ARG B 18 -7.55 7.79 -6.49
C ARG B 18 -8.63 6.90 -5.88
N SER B 19 -9.77 6.85 -6.57
CA SER B 19 -10.89 6.05 -6.12
C SER B 19 -11.13 6.30 -4.62
N GLN B 20 -11.07 7.56 -4.25
CA GLN B 20 -11.28 7.95 -2.86
C GLN B 20 -10.42 7.09 -1.94
N LEU B 21 -9.16 6.95 -2.33
CA LEU B 21 -8.22 6.16 -1.54
C LEU B 21 -8.24 6.66 -0.09
N ASP B 22 -8.98 5.94 0.74
CA ASP B 22 -9.09 6.29 2.15
C ASP B 22 -7.69 6.32 2.76
N ARG B 23 -7.46 7.32 3.61
CA ARG B 23 -6.18 7.47 4.27
C ARG B 23 -5.95 6.32 5.24
N ASP B 24 -6.98 5.52 5.43
CA ASP B 24 -6.90 4.38 6.32
C ASP B 24 -7.48 3.14 5.62
N GLN B 25 -7.42 3.17 4.29
CA GLN B 25 -7.92 2.07 3.50
C GLN B 25 -6.77 1.32 2.82
N CYS B 26 -6.66 0.04 3.13
CA CYS B 26 -5.62 -0.78 2.56
C CYS B 26 -5.69 -0.66 1.04
N ALA B 27 -4.52 -0.43 0.45
CA ALA B 27 -4.44 -0.30 -1.01
C ALA B 27 -3.91 -1.60 -1.61
N TYR B 28 -4.27 -2.70 -0.95
CA TYR B 28 -3.85 -4.02 -1.41
C TYR B 28 -5.04 -4.95 -1.58
N CYS B 29 -5.77 -5.13 -0.48
CA CYS B 29 -6.93 -6.00 -0.50
C CYS B 29 -8.18 -5.13 -0.55
N LYS B 30 -8.01 -3.88 -0.12
CA LYS B 30 -9.11 -2.93 -0.13
C LYS B 30 -9.86 -3.02 1.21
N GLU B 31 -9.13 -3.44 2.23
CA GLU B 31 -9.69 -3.58 3.56
C GLU B 31 -9.41 -2.31 4.39
N LYS B 32 -10.49 -1.68 4.81
CA LYS B 32 -10.37 -0.46 5.61
C LYS B 32 -10.04 -0.84 7.06
N GLY B 33 -8.96 -0.25 7.56
CA GLY B 33 -8.54 -0.51 8.92
C GLY B 33 -7.02 -0.65 9.01
N HIS B 34 -6.49 -1.50 8.13
CA HIS B 34 -5.05 -1.73 8.09
C HIS B 34 -4.47 -1.13 6.80
N TRP B 35 -3.18 -0.84 6.86
CA TRP B 35 -2.50 -0.27 5.70
C TRP B 35 -1.96 -1.42 4.86
N ALA B 36 -1.63 -1.11 3.62
CA ALA B 36 -1.10 -2.10 2.70
C ALA B 36 0.19 -2.69 3.28
N LYS B 37 0.95 -1.82 3.95
CA LYS B 37 2.20 -2.24 4.56
C LYS B 37 1.91 -3.19 5.71
N ASP B 38 0.63 -3.29 6.05
CA ASP B 38 0.21 -4.16 7.13
C ASP B 38 -0.91 -5.08 6.64
N CYS B 39 -0.95 -5.26 5.33
CA CYS B 39 -1.95 -6.11 4.71
C CYS B 39 -1.63 -7.57 5.07
N PRO B 40 -2.66 -8.27 5.61
CA PRO B 40 -2.49 -9.66 6.00
C PRO B 40 -2.48 -10.57 4.77
N LYS B 41 -2.60 -9.94 3.60
CA LYS B 41 -2.60 -10.68 2.36
C LYS B 41 -1.33 -10.38 1.58
N LYS B 42 -0.38 -9.76 2.28
CA LYS B 42 0.89 -9.40 1.68
C LYS B 42 2.03 -9.91 2.57
N PRO B 43 3.20 -10.17 1.92
CA PRO B 43 4.36 -10.66 2.64
C PRO B 43 5.01 -9.53 3.44
N ARG B 44 4.87 -9.62 4.76
CA ARG B 44 5.44 -8.63 5.66
C ARG B 44 6.96 -8.63 5.54
N GLY B 45 7.50 -7.48 5.14
CA GLY B 45 8.94 -7.33 4.98
C GLY B 45 9.64 -7.47 6.33
N PRO B 46 10.99 -7.33 6.27
CA PRO B 46 11.67 -7.08 5.02
C PRO B 46 11.73 -8.35 4.16
N ARG B 47 12.04 -8.14 2.88
CA ARG B 47 12.14 -9.25 1.95
C ARG B 47 13.59 -9.76 1.87
N GLY B 48 13.70 -11.07 1.73
CA GLY B 48 15.02 -11.69 1.65
C GLY B 48 15.81 -11.15 0.46
N PRO B 49 16.85 -11.92 0.06
CA PRO B 49 17.69 -11.52 -1.06
C PRO B 49 16.96 -11.75 -2.40
N ARG B 50 16.60 -10.64 -3.02
CA ARG B 50 15.90 -10.71 -4.30
C ARG B 50 16.45 -9.65 -5.26
N PRO B 51 17.23 -10.13 -6.26
CA PRO B 51 17.83 -9.24 -7.24
C PRO B 51 16.78 -8.75 -8.25
N GLN B 52 16.54 -7.46 -8.22
CA GLN B 52 15.56 -6.86 -9.12
C GLN B 52 15.97 -5.42 -9.46
N THR B 53 15.84 -5.10 -10.74
CA THR B 53 16.18 -3.76 -11.20
C THR B 53 15.12 -2.75 -10.76
N SER B 54 15.61 -1.63 -10.24
CA SER B 54 14.72 -0.57 -9.78
C SER B 54 13.97 -1.05 -8.54
N LEU B 55 13.66 -0.09 -7.67
CA LEU B 55 12.93 -0.39 -6.45
C LEU B 55 11.51 0.21 -6.54
N LEU B 56 10.54 -0.68 -6.62
CA LEU B 56 9.15 -0.27 -6.71
C LEU B 56 8.40 -0.74 -5.46
N ALA B 1 33.49 2.68 21.50
CA ALA B 1 34.22 2.80 20.24
C ALA B 1 33.40 2.14 19.12
N THR B 2 33.67 2.59 17.90
CA THR B 2 32.98 2.07 16.74
C THR B 2 31.47 2.33 16.86
N VAL B 3 30.87 2.56 15.70
CA VAL B 3 29.44 2.84 15.66
C VAL B 3 28.91 2.53 14.26
N VAL B 4 27.71 1.97 14.21
CA VAL B 4 27.08 1.62 12.96
C VAL B 4 25.71 2.29 12.87
N SER B 5 25.15 2.27 11.67
CA SER B 5 23.85 2.87 11.44
C SER B 5 23.07 2.06 10.39
N GLY B 6 21.77 2.24 10.40
CA GLY B 6 20.90 1.54 9.47
C GLY B 6 20.73 2.33 8.17
N GLN B 7 20.04 1.72 7.22
CA GLN B 7 19.80 2.37 5.94
C GLN B 7 18.60 1.71 5.24
N LYS B 8 17.83 2.55 4.56
CA LYS B 8 16.66 2.06 3.83
C LYS B 8 16.48 2.87 2.56
N GLN B 9 15.55 2.44 1.74
CA GLN B 9 15.28 3.11 0.48
C GLN B 9 13.76 3.19 0.24
N ASP B 10 13.34 4.33 -0.29
CA ASP B 10 11.93 4.54 -0.58
C ASP B 10 11.77 5.04 -2.01
N ARG B 11 10.61 4.78 -2.58
CA ARG B 11 10.31 5.20 -3.93
C ARG B 11 9.65 6.58 -3.94
N GLN B 12 9.89 7.32 -5.01
CA GLN B 12 9.32 8.65 -5.15
C GLN B 12 7.83 8.55 -5.50
N GLY B 13 7.56 7.93 -6.64
CA GLY B 13 6.19 7.77 -7.09
C GLY B 13 5.42 9.10 -6.99
N GLY B 14 4.11 8.99 -7.18
CA GLY B 14 3.25 10.16 -7.11
C GLY B 14 2.14 10.09 -8.15
N GLU B 15 1.07 9.40 -7.77
CA GLU B 15 -0.07 9.24 -8.65
C GLU B 15 -1.18 10.24 -8.28
N ARG B 16 -1.56 11.04 -9.26
CA ARG B 16 -2.59 12.03 -9.05
C ARG B 16 -3.96 11.35 -8.89
N ARG B 17 -4.55 11.56 -7.73
CA ARG B 17 -5.84 10.97 -7.44
C ARG B 17 -5.78 9.44 -7.53
N ARG B 18 -5.92 8.80 -6.38
CA ARG B 18 -5.88 7.35 -6.32
C ARG B 18 -7.21 6.80 -5.83
N SER B 19 -8.17 6.71 -6.74
CA SER B 19 -9.49 6.19 -6.39
C SER B 19 -9.89 6.69 -5.01
N GLN B 20 -10.73 5.90 -4.35
CA GLN B 20 -11.20 6.24 -3.03
C GLN B 20 -10.26 5.67 -1.96
N LEU B 21 -8.97 5.67 -2.28
CA LEU B 21 -7.97 5.16 -1.37
C LEU B 21 -7.96 6.00 -0.10
N ASP B 22 -8.88 5.67 0.80
CA ASP B 22 -8.99 6.39 2.06
C ASP B 22 -7.69 6.20 2.86
N ARG B 23 -7.49 7.10 3.81
CA ARG B 23 -6.30 7.05 4.65
C ARG B 23 -6.34 5.81 5.54
N ASP B 24 -7.49 5.14 5.52
CA ASP B 24 -7.66 3.95 6.34
C ASP B 24 -8.17 2.81 5.44
N GLN B 25 -7.88 2.94 4.15
CA GLN B 25 -8.30 1.93 3.19
C GLN B 25 -7.07 1.26 2.57
N CYS B 26 -7.00 -0.05 2.77
CA CYS B 26 -5.88 -0.83 2.24
C CYS B 26 -5.80 -0.59 0.73
N ALA B 27 -4.59 -0.54 0.23
CA ALA B 27 -4.36 -0.31 -1.18
C ALA B 27 -3.94 -1.63 -1.85
N TYR B 28 -4.26 -2.72 -1.17
CA TYR B 28 -3.93 -4.04 -1.67
C TYR B 28 -5.17 -4.93 -1.74
N CYS B 29 -5.87 -5.00 -0.61
CA CYS B 29 -7.07 -5.82 -0.53
C CYS B 29 -8.28 -4.87 -0.43
N LYS B 30 -7.99 -3.63 -0.11
CA LYS B 30 -9.03 -2.62 0.02
C LYS B 30 -9.48 -2.55 1.48
N GLU B 31 -9.37 -3.68 2.17
CA GLU B 31 -9.77 -3.75 3.57
C GLU B 31 -9.40 -2.45 4.28
N LYS B 32 -10.39 -1.90 4.97
CA LYS B 32 -10.20 -0.65 5.70
C LYS B 32 -9.84 -0.97 7.16
N GLY B 33 -8.83 -0.29 7.66
CA GLY B 33 -8.38 -0.49 9.03
C GLY B 33 -6.86 -0.65 9.10
N HIS B 34 -6.35 -1.48 8.20
CA HIS B 34 -4.91 -1.72 8.15
C HIS B 34 -4.33 -1.10 6.88
N TRP B 35 -3.03 -0.86 6.93
CA TRP B 35 -2.34 -0.26 5.79
C TRP B 35 -1.79 -1.39 4.92
N ALA B 36 -1.38 -1.03 3.72
CA ALA B 36 -0.83 -2.00 2.78
C ALA B 36 0.36 -2.70 3.42
N LYS B 37 1.17 -1.91 4.12
CA LYS B 37 2.35 -2.44 4.78
C LYS B 37 1.92 -3.33 5.95
N ASP B 38 0.62 -3.31 6.22
CA ASP B 38 0.07 -4.11 7.30
C ASP B 38 -1.05 -4.99 6.76
N CYS B 39 -1.03 -5.20 5.45
CA CYS B 39 -2.03 -6.01 4.80
C CYS B 39 -1.77 -7.47 5.17
N PRO B 40 -2.77 -8.07 5.86
CA PRO B 40 -2.66 -9.47 6.28
C PRO B 40 -2.86 -10.41 5.09
N LYS B 41 -3.23 -9.83 3.96
CA LYS B 41 -3.46 -10.61 2.76
C LYS B 41 -2.10 -10.95 2.12
N LYS B 42 -1.08 -10.24 2.56
CA LYS B 42 0.26 -10.46 2.05
C LYS B 42 0.63 -11.93 2.21
N PRO B 43 0.68 -12.64 1.05
CA PRO B 43 1.01 -14.06 1.05
C PRO B 43 2.51 -14.26 1.27
N ARG B 44 2.90 -15.53 1.28
CA ARG B 44 4.30 -15.87 1.48
C ARG B 44 5.06 -15.81 0.16
N GLY B 45 6.05 -14.93 0.12
CA GLY B 45 6.86 -14.76 -1.07
C GLY B 45 7.89 -15.88 -1.21
N PRO B 46 8.71 -15.79 -2.28
CA PRO B 46 8.60 -14.67 -3.20
C PRO B 46 7.39 -14.84 -4.12
N ARG B 47 7.20 -13.86 -4.98
CA ARG B 47 6.08 -13.88 -5.92
C ARG B 47 6.23 -12.76 -6.95
N GLY B 48 5.58 -12.96 -8.09
CA GLY B 48 5.63 -11.97 -9.16
C GLY B 48 6.97 -12.05 -9.90
N PRO B 49 7.13 -13.14 -10.70
CA PRO B 49 8.34 -13.34 -11.46
C PRO B 49 8.38 -12.41 -12.67
N ARG B 50 9.15 -11.35 -12.54
CA ARG B 50 9.29 -10.38 -13.62
C ARG B 50 9.73 -11.07 -14.90
N PRO B 51 9.06 -10.69 -16.03
CA PRO B 51 9.38 -11.26 -17.32
C PRO B 51 10.68 -10.70 -17.87
N GLN B 52 10.74 -9.37 -17.96
CA GLN B 52 11.93 -8.71 -18.46
C GLN B 52 12.24 -9.18 -19.87
N THR B 53 13.05 -8.39 -20.56
CA THR B 53 13.44 -8.72 -21.93
C THR B 53 12.21 -8.76 -22.83
N SER B 54 12.46 -8.52 -24.12
CA SER B 54 11.39 -8.53 -25.09
C SER B 54 10.37 -7.44 -24.77
N LEU B 55 10.69 -6.23 -25.18
CA LEU B 55 9.82 -5.09 -24.94
C LEU B 55 9.31 -4.55 -26.28
N LEU B 56 7.99 -4.60 -26.44
CA LEU B 56 7.37 -4.12 -27.67
C LEU B 56 7.15 -2.61 -27.56
N ALA B 1 34.55 -5.41 1.70
CA ALA B 1 33.95 -4.79 2.87
C ALA B 1 32.63 -4.12 2.47
N THR B 2 32.75 -3.15 1.58
CA THR B 2 31.58 -2.43 1.10
C THR B 2 30.84 -1.79 2.28
N VAL B 3 31.45 -0.76 2.84
CA VAL B 3 30.86 -0.06 3.96
C VAL B 3 30.36 1.31 3.50
N VAL B 4 29.53 1.28 2.47
CA VAL B 4 28.97 2.50 1.92
C VAL B 4 27.44 2.44 1.99
N SER B 5 26.83 3.63 2.01
CA SER B 5 25.38 3.72 2.08
C SER B 5 24.89 4.87 1.21
N GLY B 6 23.61 4.84 0.90
CA GLY B 6 23.00 5.87 0.09
C GLY B 6 21.54 6.12 0.50
N GLN B 7 20.80 6.73 -0.41
CA GLN B 7 19.40 7.03 -0.15
C GLN B 7 18.62 7.06 -1.47
N LYS B 8 17.37 6.62 -1.39
CA LYS B 8 16.50 6.59 -2.55
C LYS B 8 15.24 7.38 -2.26
N GLN B 9 15.00 8.39 -3.09
CA GLN B 9 13.82 9.24 -2.94
C GLN B 9 12.58 8.50 -3.44
N ASP B 10 11.46 8.79 -2.79
CA ASP B 10 10.20 8.17 -3.16
C ASP B 10 9.61 8.91 -4.36
N ARG B 11 8.82 8.19 -5.14
CA ARG B 11 8.19 8.77 -6.31
C ARG B 11 6.68 8.92 -6.08
N GLN B 12 6.22 10.16 -6.20
CA GLN B 12 4.81 10.45 -6.01
C GLN B 12 4.03 10.14 -7.28
N GLY B 13 2.72 9.95 -7.10
CA GLY B 13 1.85 9.64 -8.23
C GLY B 13 0.83 10.75 -8.45
N GLY B 14 0.43 10.90 -9.70
CA GLY B 14 -0.55 11.92 -10.06
C GLY B 14 -0.99 11.77 -11.52
N GLU B 15 -2.25 11.41 -11.68
CA GLU B 15 -2.82 11.23 -13.01
C GLU B 15 -4.34 11.12 -12.94
N ARG B 16 -4.79 10.12 -12.19
CA ARG B 16 -6.21 9.88 -12.04
C ARG B 16 -6.53 9.52 -10.59
N ARG B 17 -7.82 9.41 -10.30
CA ARG B 17 -8.26 9.06 -8.96
C ARG B 17 -7.60 7.77 -8.50
N ARG B 18 -7.96 7.36 -7.28
CA ARG B 18 -7.40 6.15 -6.71
C ARG B 18 -8.47 5.39 -5.93
N SER B 19 -9.61 5.21 -6.58
CA SER B 19 -10.72 4.51 -5.96
C SER B 19 -10.94 5.02 -4.55
N GLN B 20 -10.98 6.34 -4.43
CA GLN B 20 -11.18 6.97 -3.13
C GLN B 20 -10.32 6.30 -2.07
N LEU B 21 -9.07 6.03 -2.44
CA LEU B 21 -8.14 5.40 -1.52
C LEU B 21 -8.21 6.08 -0.16
N ASP B 22 -9.02 5.49 0.72
CA ASP B 22 -9.18 6.04 2.05
C ASP B 22 -7.83 6.07 2.76
N ARG B 23 -7.55 7.19 3.40
CA ARG B 23 -6.30 7.37 4.12
C ARG B 23 -6.18 6.32 5.22
N ASP B 24 -7.30 5.67 5.51
CA ASP B 24 -7.33 4.65 6.54
C ASP B 24 -7.78 3.32 5.93
N GLN B 25 -7.43 3.14 4.66
CA GLN B 25 -7.79 1.93 3.95
C GLN B 25 -6.53 1.20 3.48
N CYS B 26 -6.75 0.05 2.85
CA CYS B 26 -5.66 -0.76 2.35
C CYS B 26 -5.66 -0.68 0.83
N ALA B 27 -4.48 -0.43 0.27
CA ALA B 27 -4.35 -0.34 -1.17
C ALA B 27 -3.82 -1.66 -1.73
N TYR B 28 -4.27 -2.73 -1.08
CA TYR B 28 -3.85 -4.07 -1.50
C TYR B 28 -5.05 -5.01 -1.61
N CYS B 29 -5.71 -5.21 -0.49
CA CYS B 29 -6.88 -6.09 -0.45
C CYS B 29 -8.13 -5.22 -0.64
N LYS B 30 -8.01 -3.96 -0.25
CA LYS B 30 -9.11 -3.02 -0.38
C LYS B 30 -9.91 -3.00 0.93
N GLU B 31 -9.22 -3.32 2.01
CA GLU B 31 -9.84 -3.35 3.32
C GLU B 31 -9.76 -1.96 3.97
N LYS B 32 -10.46 -1.83 5.08
CA LYS B 32 -10.47 -0.57 5.81
C LYS B 32 -10.08 -0.82 7.27
N GLY B 33 -9.01 -0.16 7.69
CA GLY B 33 -8.51 -0.30 9.04
C GLY B 33 -6.99 -0.47 9.07
N HIS B 34 -6.53 -1.41 8.26
CA HIS B 34 -5.10 -1.68 8.17
C HIS B 34 -4.54 -1.11 6.87
N TRP B 35 -3.25 -0.86 6.88
CA TRP B 35 -2.57 -0.31 5.71
C TRP B 35 -1.98 -1.48 4.90
N ALA B 36 -1.74 -1.21 3.63
CA ALA B 36 -1.18 -2.23 2.75
C ALA B 36 0.17 -2.69 3.32
N LYS B 37 0.88 -1.75 3.91
CA LYS B 37 2.17 -2.05 4.50
C LYS B 37 2.00 -3.08 5.62
N ASP B 38 0.75 -3.27 6.02
CA ASP B 38 0.44 -4.20 7.08
C ASP B 38 -0.76 -5.05 6.66
N CYS B 39 -0.80 -5.36 5.37
CA CYS B 39 -1.89 -6.17 4.83
C CYS B 39 -1.67 -7.62 5.27
N PRO B 40 -2.77 -8.23 5.79
CA PRO B 40 -2.71 -9.61 6.25
C PRO B 40 -2.68 -10.58 5.07
N LYS B 41 -2.70 -10.00 3.87
CA LYS B 41 -2.68 -10.80 2.66
C LYS B 41 -1.25 -10.89 2.13
N LYS B 42 -0.43 -9.95 2.59
CA LYS B 42 0.96 -9.90 2.17
C LYS B 42 1.51 -11.32 2.09
N PRO B 43 1.56 -11.86 0.85
CA PRO B 43 2.07 -13.20 0.63
C PRO B 43 3.60 -13.25 0.74
N ARG B 44 4.10 -14.44 1.05
CA ARG B 44 5.53 -14.63 1.20
C ARG B 44 6.13 -15.18 -0.11
N GLY B 45 6.46 -14.25 -1.00
CA GLY B 45 7.04 -14.63 -2.29
C GLY B 45 6.09 -15.55 -3.06
N PRO B 46 6.52 -15.88 -4.31
CA PRO B 46 7.78 -15.37 -4.83
C PRO B 46 7.66 -13.91 -5.23
N ARG B 47 8.73 -13.17 -4.98
CA ARG B 47 8.76 -11.76 -5.32
C ARG B 47 7.94 -10.96 -4.29
N GLY B 48 8.48 -9.81 -3.91
CA GLY B 48 7.81 -8.95 -2.95
C GLY B 48 8.64 -7.69 -2.69
N PRO B 49 8.57 -7.23 -1.41
CA PRO B 49 9.30 -6.03 -1.01
C PRO B 49 10.78 -6.33 -0.85
N ARG B 50 11.50 -6.26 -1.96
CA ARG B 50 12.92 -6.52 -1.97
C ARG B 50 13.20 -7.95 -1.50
N PRO B 51 13.17 -8.89 -2.47
CA PRO B 51 13.42 -10.29 -2.16
C PRO B 51 14.91 -10.54 -1.93
N GLN B 52 15.70 -10.23 -2.94
CA GLN B 52 17.14 -10.42 -2.85
C GLN B 52 17.47 -11.89 -2.65
N THR B 53 17.21 -12.67 -3.69
CA THR B 53 17.48 -14.10 -3.64
C THR B 53 17.64 -14.66 -5.06
N SER B 54 18.82 -14.41 -5.62
CA SER B 54 19.11 -14.87 -6.97
C SER B 54 20.62 -15.03 -7.14
N LEU B 55 21.03 -16.25 -7.44
CA LEU B 55 22.43 -16.55 -7.64
C LEU B 55 22.68 -16.90 -9.11
N LEU B 56 22.52 -15.89 -9.96
CA LEU B 56 22.72 -16.08 -11.39
C LEU B 56 23.91 -15.24 -11.85
N ALA B 1 23.48 2.31 13.54
CA ALA B 1 23.55 1.94 12.13
C ALA B 1 23.20 3.16 11.28
N THR B 2 23.89 3.26 10.14
CA THR B 2 23.66 4.37 9.23
C THR B 2 24.22 4.04 7.84
N VAL B 3 23.44 4.38 6.83
CA VAL B 3 23.84 4.14 5.46
C VAL B 3 22.88 4.86 4.50
N VAL B 4 23.46 5.49 3.49
CA VAL B 4 22.68 6.22 2.51
C VAL B 4 23.21 5.92 1.12
N SER B 5 22.33 5.37 0.28
CA SER B 5 22.69 5.04 -1.08
C SER B 5 22.12 6.07 -2.06
N GLY B 6 22.74 6.14 -3.23
CA GLY B 6 22.31 7.08 -4.24
C GLY B 6 20.92 6.71 -4.78
N GLN B 7 20.50 7.43 -5.81
CA GLN B 7 19.22 7.19 -6.42
C GLN B 7 19.24 7.59 -7.90
N LYS B 8 18.23 7.14 -8.63
CA LYS B 8 18.12 7.44 -10.04
C LYS B 8 16.76 8.08 -10.33
N GLN B 9 16.76 9.01 -11.26
CA GLN B 9 15.54 9.69 -11.64
C GLN B 9 15.27 9.52 -13.14
N ASP B 10 14.08 9.92 -13.55
CA ASP B 10 13.70 9.82 -14.94
C ASP B 10 12.25 10.32 -15.10
N ARG B 11 11.86 10.50 -16.35
CA ARG B 11 10.51 10.97 -16.65
C ARG B 11 9.59 9.78 -16.94
N GLN B 12 8.30 10.05 -16.92
CA GLN B 12 7.31 9.03 -17.17
C GLN B 12 7.35 7.96 -16.07
N GLY B 13 6.47 8.12 -15.10
CA GLY B 13 6.40 7.19 -13.99
C GLY B 13 5.28 7.59 -13.01
N GLY B 14 4.12 6.98 -13.20
CA GLY B 14 2.97 7.27 -12.35
C GLY B 14 1.84 6.28 -12.63
N GLU B 15 0.81 6.79 -13.30
CA GLU B 15 -0.34 5.97 -13.63
C GLU B 15 -1.04 5.48 -12.36
N ARG B 16 -2.20 4.88 -12.55
CA ARG B 16 -2.97 4.37 -11.42
C ARG B 16 -3.41 5.51 -10.52
N ARG B 17 -4.71 5.56 -10.28
CA ARG B 17 -5.28 6.60 -9.43
C ARG B 17 -5.61 6.04 -8.05
N ARG B 18 -5.91 6.94 -7.13
CA ARG B 18 -6.25 6.56 -5.77
C ARG B 18 -7.77 6.50 -5.59
N SER B 19 -8.39 5.62 -6.36
CA SER B 19 -9.83 5.45 -6.29
C SER B 19 -10.30 5.51 -4.84
N GLN B 20 -10.76 6.70 -4.45
CA GLN B 20 -11.24 6.90 -3.09
C GLN B 20 -10.36 6.14 -2.10
N LEU B 21 -9.05 6.23 -2.32
CA LEU B 21 -8.11 5.55 -1.45
C LEU B 21 -8.12 6.21 -0.07
N ASP B 22 -8.92 5.64 0.82
CA ASP B 22 -9.04 6.15 2.17
C ASP B 22 -7.65 6.19 2.82
N ARG B 23 -7.41 7.25 3.57
CA ARG B 23 -6.14 7.42 4.25
C ARG B 23 -5.97 6.35 5.34
N ASP B 24 -7.05 5.61 5.57
CA ASP B 24 -7.02 4.57 6.57
C ASP B 24 -7.50 3.25 5.94
N GLN B 25 -7.30 3.16 4.63
CA GLN B 25 -7.70 1.97 3.90
C GLN B 25 -6.46 1.18 3.47
N CYS B 26 -6.72 0.09 2.75
CA CYS B 26 -5.64 -0.76 2.28
C CYS B 26 -5.64 -0.74 0.74
N ALA B 27 -4.49 -0.39 0.19
CA ALA B 27 -4.36 -0.32 -1.25
C ALA B 27 -3.84 -1.67 -1.78
N TYR B 28 -4.26 -2.72 -1.10
CA TYR B 28 -3.85 -4.07 -1.48
C TYR B 28 -5.06 -4.99 -1.60
N CYS B 29 -5.74 -5.18 -0.47
CA CYS B 29 -6.91 -6.04 -0.44
C CYS B 29 -8.16 -5.16 -0.54
N LYS B 30 -7.97 -3.90 -0.20
CA LYS B 30 -9.07 -2.94 -0.25
C LYS B 30 -9.80 -2.94 1.10
N GLU B 31 -9.08 -3.38 2.13
CA GLU B 31 -9.65 -3.43 3.46
C GLU B 31 -9.54 -2.06 4.14
N LYS B 32 -10.51 -1.79 5.01
CA LYS B 32 -10.53 -0.53 5.73
C LYS B 32 -10.19 -0.78 7.20
N GLY B 33 -9.06 -0.19 7.61
CA GLY B 33 -8.62 -0.34 8.98
C GLY B 33 -7.09 -0.51 9.05
N HIS B 34 -6.59 -1.43 8.23
CA HIS B 34 -5.17 -1.69 8.18
C HIS B 34 -4.59 -1.12 6.89
N TRP B 35 -3.28 -0.86 6.94
CA TRP B 35 -2.60 -0.32 5.78
C TRP B 35 -2.03 -1.48 4.97
N ALA B 36 -1.83 -1.23 3.68
CA ALA B 36 -1.30 -2.24 2.79
C ALA B 36 0.07 -2.69 3.30
N LYS B 37 0.78 -1.75 3.89
CA LYS B 37 2.11 -2.03 4.42
C LYS B 37 1.99 -3.06 5.55
N ASP B 38 0.76 -3.28 5.99
CA ASP B 38 0.49 -4.22 7.06
C ASP B 38 -0.68 -5.12 6.66
N CYS B 39 -0.79 -5.36 5.37
CA CYS B 39 -1.86 -6.20 4.86
C CYS B 39 -1.57 -7.64 5.24
N PRO B 40 -2.63 -8.31 5.78
CA PRO B 40 -2.51 -9.70 6.21
C PRO B 40 -2.49 -10.63 5.00
N LYS B 41 -2.55 -10.04 3.82
CA LYS B 41 -2.55 -10.81 2.58
C LYS B 41 -1.11 -10.88 2.05
N LYS B 42 -0.29 -9.96 2.52
CA LYS B 42 1.10 -9.91 2.10
C LYS B 42 1.81 -11.18 2.57
N PRO B 43 2.29 -11.97 1.58
CA PRO B 43 3.00 -13.21 1.88
C PRO B 43 4.41 -12.93 2.38
N ARG B 44 4.72 -13.53 3.53
CA ARG B 44 6.04 -13.35 4.13
C ARG B 44 6.99 -14.43 3.62
N GLY B 45 7.74 -14.08 2.59
CA GLY B 45 8.70 -14.99 2.01
C GLY B 45 8.01 -16.27 1.51
N PRO B 46 8.83 -17.16 0.88
CA PRO B 46 10.25 -16.89 0.72
C PRO B 46 10.48 -15.85 -0.37
N ARG B 47 11.74 -15.41 -0.47
CA ARG B 47 12.10 -14.41 -1.46
C ARG B 47 11.37 -13.10 -1.20
N GLY B 48 11.89 -12.05 -1.81
CA GLY B 48 11.30 -10.72 -1.66
C GLY B 48 11.30 -9.96 -2.97
N PRO B 49 10.45 -10.44 -3.93
CA PRO B 49 10.34 -9.81 -5.23
C PRO B 49 9.57 -8.49 -5.14
N ARG B 50 9.80 -7.65 -6.13
CA ARG B 50 9.13 -6.35 -6.19
C ARG B 50 9.39 -5.58 -4.89
N PRO B 51 10.42 -4.70 -4.94
CA PRO B 51 10.78 -3.89 -3.78
C PRO B 51 9.77 -2.75 -3.58
N GLN B 52 9.54 -2.02 -4.66
CA GLN B 52 8.61 -0.90 -4.61
C GLN B 52 8.37 -0.36 -6.03
N THR B 53 9.45 0.08 -6.66
CA THR B 53 9.37 0.62 -8.00
C THR B 53 8.09 1.43 -8.18
N SER B 54 7.66 1.55 -9.42
CA SER B 54 6.46 2.29 -9.73
C SER B 54 6.61 3.75 -9.31
N LEU B 55 6.02 4.64 -10.10
CA LEU B 55 6.10 6.06 -9.82
C LEU B 55 7.51 6.57 -10.16
N LEU B 56 8.46 6.15 -9.33
CA LEU B 56 9.85 6.55 -9.53
C LEU B 56 10.32 6.07 -10.90
N ALA B 1 17.06 -31.39 -27.17
CA ALA B 1 15.95 -30.45 -27.12
C ALA B 1 15.42 -30.35 -25.70
N THR B 2 15.33 -29.13 -25.21
CA THR B 2 14.84 -28.89 -23.87
C THR B 2 14.66 -27.39 -23.62
N VAL B 3 13.75 -26.80 -24.38
CA VAL B 3 13.48 -25.37 -24.24
C VAL B 3 12.87 -25.10 -22.88
N VAL B 4 12.99 -23.85 -22.45
CA VAL B 4 12.44 -23.45 -21.16
C VAL B 4 11.68 -22.13 -21.33
N SER B 5 11.04 -21.71 -20.24
CA SER B 5 10.26 -20.49 -20.25
C SER B 5 10.22 -19.89 -18.85
N GLY B 6 10.43 -18.58 -18.79
CA GLY B 6 10.41 -17.87 -17.52
C GLY B 6 10.60 -16.36 -17.73
N GLN B 7 9.68 -15.60 -17.17
CA GLN B 7 9.72 -14.15 -17.29
C GLN B 7 8.72 -13.51 -16.33
N LYS B 8 8.88 -12.20 -16.15
CA LYS B 8 7.99 -11.46 -15.27
C LYS B 8 7.64 -10.12 -15.92
N GLN B 9 6.56 -10.12 -16.68
CA GLN B 9 6.11 -8.92 -17.35
C GLN B 9 4.65 -8.63 -17.02
N ASP B 10 4.44 -7.54 -16.30
CA ASP B 10 3.10 -7.14 -15.90
C ASP B 10 2.57 -6.11 -16.88
N ARG B 11 1.26 -5.88 -16.81
CA ARG B 11 0.62 -4.92 -17.69
C ARG B 11 0.59 -3.55 -17.04
N GLN B 12 0.28 -2.55 -17.86
CA GLN B 12 0.20 -1.18 -17.37
C GLN B 12 -1.07 -0.50 -17.88
N GLY B 13 -1.59 0.40 -17.05
CA GLY B 13 -2.81 1.12 -17.40
C GLY B 13 -2.61 2.62 -17.21
N GLY B 14 -3.62 3.38 -17.67
CA GLY B 14 -3.57 4.82 -17.57
C GLY B 14 -3.97 5.28 -16.16
N GLU B 15 -5.28 5.30 -15.94
CA GLU B 15 -5.81 5.72 -14.65
C GLU B 15 -5.36 7.14 -14.33
N ARG B 16 -6.13 7.79 -13.46
CA ARG B 16 -5.82 9.15 -13.06
C ARG B 16 -5.96 9.31 -11.54
N ARG B 17 -7.15 9.00 -11.05
CA ARG B 17 -7.43 9.10 -9.63
C ARG B 17 -7.61 7.70 -9.03
N ARG B 18 -7.09 7.54 -7.82
CA ARG B 18 -7.20 6.27 -7.12
C ARG B 18 -8.46 6.23 -6.25
N SER B 19 -9.60 6.20 -6.93
CA SER B 19 -10.87 6.16 -6.23
C SER B 19 -10.81 7.04 -4.98
N GLN B 20 -11.56 6.64 -3.97
CA GLN B 20 -11.61 7.38 -2.72
C GLN B 20 -10.59 6.80 -1.72
N LEU B 21 -9.41 6.50 -2.24
CA LEU B 21 -8.35 5.94 -1.41
C LEU B 21 -8.36 6.63 -0.04
N ASP B 22 -8.99 5.96 0.91
CA ASP B 22 -9.07 6.50 2.26
C ASP B 22 -7.73 6.31 2.98
N ARG B 23 -7.45 7.21 3.89
CA ARG B 23 -6.21 7.15 4.64
C ARG B 23 -6.18 5.90 5.52
N ASP B 24 -7.33 5.26 5.61
CA ASP B 24 -7.45 4.05 6.40
C ASP B 24 -7.99 2.91 5.53
N GLN B 25 -7.72 3.03 4.23
CA GLN B 25 -8.18 2.03 3.28
C GLN B 25 -6.98 1.31 2.65
N CYS B 26 -6.92 0.01 2.89
CA CYS B 26 -5.83 -0.80 2.37
C CYS B 26 -5.82 -0.64 0.84
N ALA B 27 -4.61 -0.44 0.32
CA ALA B 27 -4.44 -0.26 -1.11
C ALA B 27 -3.97 -1.58 -1.73
N TYR B 28 -4.22 -2.66 -1.00
CA TYR B 28 -3.82 -3.98 -1.46
C TYR B 28 -5.03 -4.91 -1.58
N CYS B 29 -5.77 -5.00 -0.49
CA CYS B 29 -6.95 -5.84 -0.45
C CYS B 29 -8.19 -4.94 -0.43
N LYS B 30 -7.95 -3.67 -0.13
CA LYS B 30 -9.04 -2.70 -0.07
C LYS B 30 -9.53 -2.60 1.38
N GLU B 31 -9.36 -3.68 2.11
CA GLU B 31 -9.79 -3.72 3.50
C GLU B 31 -9.43 -2.42 4.20
N LYS B 32 -10.41 -1.83 4.86
CA LYS B 32 -10.20 -0.58 5.58
C LYS B 32 -9.91 -0.89 7.05
N GLY B 33 -8.91 -0.19 7.58
CA GLY B 33 -8.51 -0.38 8.96
C GLY B 33 -7.00 -0.58 9.07
N HIS B 34 -6.47 -1.42 8.19
CA HIS B 34 -5.04 -1.69 8.19
C HIS B 34 -4.41 -1.12 6.92
N TRP B 35 -3.12 -0.86 7.00
CA TRP B 35 -2.39 -0.31 5.87
C TRP B 35 -1.90 -1.48 5.02
N ALA B 36 -1.65 -1.18 3.75
CA ALA B 36 -1.18 -2.20 2.83
C ALA B 36 0.14 -2.78 3.34
N LYS B 37 0.95 -1.91 3.91
CA LYS B 37 2.24 -2.32 4.46
C LYS B 37 2.01 -3.28 5.62
N ASP B 38 0.77 -3.34 6.07
CA ASP B 38 0.40 -4.21 7.17
C ASP B 38 -0.75 -5.13 6.74
N CYS B 39 -0.87 -5.29 5.42
CA CYS B 39 -1.91 -6.14 4.87
C CYS B 39 -1.64 -7.57 5.28
N PRO B 40 -2.69 -8.22 5.85
CA PRO B 40 -2.57 -9.60 6.30
C PRO B 40 -2.57 -10.56 5.12
N LYS B 41 -2.66 -9.99 3.92
CA LYS B 41 -2.68 -10.79 2.70
C LYS B 41 -1.28 -10.79 2.10
N LYS B 42 -0.47 -9.84 2.53
CA LYS B 42 0.89 -9.72 2.04
C LYS B 42 1.63 -11.03 2.31
N PRO B 43 2.65 -11.30 1.45
CA PRO B 43 3.46 -12.51 1.59
C PRO B 43 4.42 -12.39 2.78
N ARG B 44 4.08 -13.07 3.85
CA ARG B 44 4.91 -13.05 5.04
C ARG B 44 4.54 -14.23 5.97
N GLY B 45 5.51 -15.12 6.14
CA GLY B 45 5.30 -16.28 6.99
C GLY B 45 4.16 -17.16 6.45
N PRO B 46 3.96 -18.31 7.14
CA PRO B 46 4.78 -18.65 8.29
C PRO B 46 6.16 -19.12 7.86
N ARG B 47 7.03 -19.32 8.84
CA ARG B 47 8.38 -19.77 8.58
C ARG B 47 9.13 -18.74 7.73
N GLY B 48 10.30 -18.34 8.20
CA GLY B 48 11.10 -17.37 7.48
C GLY B 48 11.03 -17.60 5.97
N PRO B 49 11.34 -16.51 5.22
CA PRO B 49 11.31 -16.58 3.76
C PRO B 49 12.52 -17.35 3.22
N ARG B 50 12.35 -17.87 2.01
CA ARG B 50 13.42 -18.62 1.37
C ARG B 50 13.23 -18.62 -0.14
N PRO B 51 13.96 -17.68 -0.81
CA PRO B 51 13.88 -17.56 -2.26
C PRO B 51 14.65 -18.69 -2.94
N GLN B 52 14.13 -19.11 -4.08
CA GLN B 52 14.76 -20.18 -4.85
C GLN B 52 14.18 -20.24 -6.26
N THR B 53 15.06 -20.52 -7.21
CA THR B 53 14.66 -20.61 -8.60
C THR B 53 13.72 -21.80 -8.82
N SER B 54 12.47 -21.49 -9.11
CA SER B 54 11.47 -22.51 -9.33
C SER B 54 10.45 -22.03 -10.37
N LEU B 55 10.35 -22.79 -11.45
CA LEU B 55 9.42 -22.46 -12.52
C LEU B 55 8.91 -23.74 -13.17
N LEU B 56 9.82 -24.47 -13.78
CA LEU B 56 9.48 -25.72 -14.44
C LEU B 56 8.48 -25.44 -15.57
#